data_9VBG
#
_entry.id   9VBG
#
_cell.length_a   1.00
_cell.length_b   1.00
_cell.length_c   1.00
_cell.angle_alpha   90.00
_cell.angle_beta   90.00
_cell.angle_gamma   90.00
#
_symmetry.space_group_name_H-M   'P 1'
#
loop_
_entity.id
_entity.type
_entity.pdbx_description
1 polymer "5'-3' exonuclease PLD3"
2 branched beta-D-mannopyranose-(1-4)-2-acetamido-2-deoxy-beta-D-glucopyranose-(1-4)-2-acetamido-2-deoxy-beta-D-glucopyranose
3 branched alpha-D-mannopyranose-(1-3)-[alpha-D-mannopyranose-(1-6)]beta-D-mannopyranose-(1-4)-2-acetamido-2-deoxy-beta-D-glucopyranose-(1-4)-2-acetamido-2-deoxy-beta-D-glucopyranose
4 branched 2-acetamido-2-deoxy-beta-D-glucopyranose-(1-4)-2-acetamido-2-deoxy-beta-D-glucopyranose
5 non-polymer 2-acetamido-2-deoxy-beta-D-glucopyranose
#
_entity_poly.entity_id   1
_entity_poly.type   'polypeptide(L)'
_entity_poly.pdbx_seq_one_letter_code
;EYGDLHLFGPNQRPAPCYDPCEAVLVESIPEGLDFPNASTGNPSTSQAWLGLLAGAHSSLDIASFYWTLTNNDTHTQEPS
AQQGEEVLRQLQTLAPKGVNVRIAVSKPSGPQPQADLQALLQSGAQVRMVDMQKLTHGVLHTKFWVVDQTHFYLGSANMD
WRSLTQVKELGVVMYNCSCLARDLTKIFEAYWFLGQAGSSIPSTWPRFYDTRYNQETPMEICLNGTPALAYLASAPPPLC
PSGRTPDLKALLNVVDNARSFIYVAVMNYLPTLEFSHPHRFWPAIDDGLRRATYERGVKVRLLISCWGHSEPSMRAFLLS
LAALRDNHTHSDIQVKLFVVPADEAQARIPYARVNHNKYMVTERATYIGTSNWSGNYFTETAGTSLLVTQNGRGGLRSQL
EAIFLRDWDSPYSHDLDTSADSVGNACRLLLEVLFQ
;
_entity_poly.pdbx_strand_id   A,B
#
# COMPACT_ATOMS: atom_id res chain seq x y z
N PRO A 14 25.49 16.35 20.89
CA PRO A 14 26.63 15.74 21.60
C PRO A 14 27.94 16.48 21.34
N ALA A 15 29.02 15.74 21.17
CA ALA A 15 30.31 16.36 20.86
C ALA A 15 30.71 16.08 19.42
N PRO A 16 31.22 17.06 18.70
CA PRO A 16 31.58 16.85 17.29
C PRO A 16 32.88 16.08 17.16
N CYS A 17 33.07 15.50 15.97
CA CYS A 17 34.26 14.74 15.64
C CYS A 17 35.19 15.60 14.80
N TYR A 18 36.42 15.76 15.25
CA TYR A 18 37.41 16.58 14.57
C TYR A 18 38.34 15.77 13.68
N ASP A 19 38.10 14.46 13.57
CA ASP A 19 38.96 13.62 12.75
C ASP A 19 38.78 13.98 11.27
N PRO A 20 39.85 14.00 10.49
CA PRO A 20 39.72 14.32 9.07
C PRO A 20 39.12 13.17 8.28
N CYS A 21 37.83 12.89 8.51
CA CYS A 21 37.18 11.76 7.87
C CYS A 21 37.16 11.96 6.36
N GLU A 22 37.56 10.94 5.62
CA GLU A 22 37.55 10.96 4.16
C GLU A 22 36.83 9.70 3.68
N ALA A 23 35.85 9.88 2.81
CA ALA A 23 35.01 8.79 2.35
C ALA A 23 35.29 8.49 0.89
N VAL A 24 35.54 7.22 0.59
CA VAL A 24 35.84 6.76 -0.77
C VAL A 24 34.80 5.71 -1.15
N LEU A 25 34.24 5.86 -2.34
CA LEU A 25 33.27 4.89 -2.85
C LEU A 25 34.02 3.81 -3.62
N VAL A 26 33.92 2.58 -3.15
CA VAL A 26 34.60 1.45 -3.79
C VAL A 26 33.54 0.51 -4.36
N GLU A 27 33.80 0.04 -5.57
CA GLU A 27 32.89 -0.87 -6.24
C GLU A 27 33.71 -1.86 -7.06
N SER A 28 33.17 -3.06 -7.22
CA SER A 28 33.84 -4.11 -7.98
C SER A 28 33.12 -4.29 -9.31
N ILE A 29 33.87 -4.19 -10.39
CA ILE A 29 33.31 -4.32 -11.75
C ILE A 29 33.62 -5.72 -12.26
N PRO A 30 32.62 -6.52 -12.61
CA PRO A 30 32.90 -7.86 -13.15
C PRO A 30 33.63 -7.79 -14.47
N GLU A 31 34.39 -8.84 -14.75
CA GLU A 31 35.08 -8.94 -16.02
C GLU A 31 34.06 -8.99 -17.15
N GLY A 32 34.27 -8.18 -18.18
CA GLY A 32 33.36 -8.08 -19.29
C GLY A 32 32.42 -6.90 -19.23
N LEU A 33 32.30 -6.28 -18.05
CA LEU A 33 31.44 -5.07 -17.90
C LEU A 33 32.28 -3.83 -18.19
N ASP A 34 31.97 -3.12 -19.27
CA ASP A 34 32.72 -1.93 -19.65
C ASP A 34 31.76 -0.75 -19.79
N PHE A 35 32.12 0.37 -19.16
CA PHE A 35 31.35 1.60 -19.27
C PHE A 35 32.14 2.60 -20.10
N PRO A 36 31.65 2.99 -21.27
CA PRO A 36 32.42 3.94 -22.11
C PRO A 36 32.65 5.29 -21.46
N ASN A 37 31.75 5.73 -20.57
CA ASN A 37 31.91 7.03 -19.90
C ASN A 37 32.90 6.85 -18.76
N ALA A 38 34.18 6.73 -19.12
CA ALA A 38 35.25 6.56 -18.15
C ALA A 38 35.51 7.90 -17.47
N SER A 39 34.61 8.26 -16.56
CA SER A 39 34.70 9.50 -15.83
C SER A 39 34.60 9.35 -14.32
N THR A 40 34.02 8.26 -13.81
CA THR A 40 33.93 8.07 -12.37
C THR A 40 35.27 7.67 -11.79
N GLY A 41 35.79 6.52 -12.21
CA GLY A 41 37.10 6.07 -11.75
C GLY A 41 37.16 5.79 -10.27
N ASN A 42 36.48 4.75 -9.82
CA ASN A 42 36.56 4.52 -8.39
C ASN A 42 37.43 3.29 -8.11
N PRO A 43 38.09 3.26 -6.95
CA PRO A 43 38.93 2.09 -6.63
C PRO A 43 38.09 0.83 -6.45
N SER A 44 38.69 -0.31 -6.80
CA SER A 44 38.02 -1.59 -6.66
C SER A 44 38.02 -2.03 -5.20
N THR A 45 37.13 -2.97 -4.88
CA THR A 45 37.07 -3.50 -3.52
C THR A 45 38.35 -4.20 -3.13
N SER A 46 38.94 -4.97 -4.07
CA SER A 46 40.19 -5.65 -3.76
C SER A 46 41.31 -4.67 -3.46
N GLN A 47 41.39 -3.57 -4.22
CA GLN A 47 42.42 -2.56 -3.96
C GLN A 47 42.24 -1.92 -2.59
N ALA A 48 41.00 -1.58 -2.24
CA ALA A 48 40.74 -1.00 -0.94
C ALA A 48 41.00 -1.99 0.19
N TRP A 49 40.59 -3.24 0.02
CA TRP A 49 40.81 -4.25 1.06
C TRP A 49 42.30 -4.50 1.26
N LEU A 50 43.06 -4.63 0.17
CA LEU A 50 44.49 -4.85 0.29
C LEU A 50 45.18 -3.67 0.96
N GLY A 51 44.77 -2.45 0.63
CA GLY A 51 45.31 -1.30 1.32
C GLY A 51 44.95 -1.26 2.79
N LEU A 52 43.72 -1.65 3.12
CA LEU A 52 43.31 -1.69 4.53
C LEU A 52 44.11 -2.71 5.31
N LEU A 53 44.33 -3.90 4.72
CA LEU A 53 45.09 -4.93 5.42
C LEU A 53 46.55 -4.55 5.59
N ALA A 54 47.12 -3.86 4.60
CA ALA A 54 48.53 -3.48 4.69
C ALA A 54 48.78 -2.53 5.84
N GLY A 55 47.86 -1.60 6.10
CA GLY A 55 48.02 -0.62 7.15
C GLY A 55 47.48 -1.04 8.50
N ALA A 56 46.99 -2.27 8.64
CA ALA A 56 46.46 -2.73 9.92
C ALA A 56 47.60 -3.09 10.86
N HIS A 57 47.57 -2.52 12.06
CA HIS A 57 48.60 -2.78 13.05
C HIS A 57 48.07 -3.00 14.47
N SER A 58 46.81 -2.68 14.75
CA SER A 58 46.26 -2.79 16.09
C SER A 58 45.15 -3.82 16.19
N SER A 59 44.11 -3.71 15.36
CA SER A 59 42.98 -4.62 15.44
C SER A 59 42.29 -4.68 14.10
N LEU A 60 41.46 -5.71 13.92
CA LEU A 60 40.67 -5.88 12.71
C LEU A 60 39.43 -6.67 13.07
N ASP A 61 38.26 -6.05 12.93
CA ASP A 61 36.99 -6.69 13.21
C ASP A 61 36.22 -6.86 11.90
N ILE A 62 35.82 -8.08 11.59
CA ILE A 62 35.14 -8.40 10.35
C ILE A 62 33.82 -9.08 10.67
N ALA A 63 32.75 -8.57 10.08
CA ALA A 63 31.45 -9.24 10.12
C ALA A 63 31.12 -9.70 8.72
N SER A 64 30.87 -11.01 8.57
CA SER A 64 30.72 -11.61 7.25
C SER A 64 29.55 -12.57 7.25
N PHE A 65 29.05 -12.84 6.04
CA PHE A 65 28.00 -13.82 5.82
C PHE A 65 28.57 -15.22 5.64
N TYR A 66 29.58 -15.36 4.78
CA TYR A 66 30.22 -16.65 4.56
C TYR A 66 31.60 -16.38 3.97
N TRP A 67 32.43 -17.42 3.97
CA TRP A 67 33.82 -17.31 3.53
C TRP A 67 34.08 -18.32 2.43
N THR A 68 34.27 -17.83 1.21
CA THR A 68 34.55 -18.65 0.05
C THR A 68 35.69 -18.02 -0.74
N LEU A 69 36.78 -17.69 -0.04
CA LEU A 69 37.82 -16.82 -0.56
C LEU A 69 38.80 -17.53 -1.48
N THR A 70 38.59 -18.81 -1.78
CA THR A 70 39.53 -19.53 -2.63
C THR A 70 38.78 -20.56 -3.46
N ASN A 71 39.47 -21.09 -4.46
CA ASN A 71 38.88 -22.03 -5.42
C ASN A 71 38.46 -23.34 -4.79
N ASN A 72 39.01 -23.69 -3.63
CA ASN A 72 38.71 -24.99 -3.03
C ASN A 72 37.25 -25.08 -2.60
N ASP A 73 36.75 -24.06 -1.92
CA ASP A 73 35.36 -24.08 -1.47
C ASP A 73 34.40 -24.03 -2.65
N THR A 74 34.72 -23.25 -3.67
CA THR A 74 33.88 -23.20 -4.86
C THR A 74 34.01 -24.46 -5.70
N HIS A 75 35.08 -25.22 -5.51
CA HIS A 75 35.37 -26.42 -6.31
C HIS A 75 35.43 -26.08 -7.79
N THR A 76 36.16 -25.00 -8.11
CA THR A 76 36.34 -24.55 -9.47
C THR A 76 37.84 -24.36 -9.74
N GLN A 77 38.16 -24.08 -10.99
CA GLN A 77 39.54 -23.85 -11.40
C GLN A 77 39.68 -22.57 -12.20
N GLU A 78 38.81 -21.60 -11.95
CA GLU A 78 38.86 -20.34 -12.66
C GLU A 78 40.07 -19.53 -12.21
N PRO A 79 40.79 -18.89 -13.13
CA PRO A 79 41.92 -18.03 -12.75
C PRO A 79 41.54 -16.66 -12.25
N SER A 80 40.26 -16.41 -11.99
CA SER A 80 39.79 -15.13 -11.46
C SER A 80 39.76 -15.10 -9.94
N ALA A 81 40.19 -16.17 -9.29
CA ALA A 81 40.19 -16.25 -7.84
C ALA A 81 41.50 -15.81 -7.22
N GLN A 82 42.45 -15.34 -8.02
CA GLN A 82 43.73 -14.89 -7.48
C GLN A 82 43.56 -13.70 -6.55
N GLN A 83 42.70 -12.76 -6.91
CA GLN A 83 42.44 -11.62 -6.02
C GLN A 83 41.83 -12.07 -4.71
N GLY A 84 40.90 -13.03 -4.77
CA GLY A 84 40.33 -13.56 -3.54
C GLY A 84 41.35 -14.31 -2.70
N GLU A 85 42.22 -15.08 -3.36
CA GLU A 85 43.25 -15.81 -2.64
C GLU A 85 44.29 -14.86 -2.05
N GLU A 86 44.58 -13.75 -2.73
CA GLU A 86 45.53 -12.79 -2.21
C GLU A 86 45.04 -12.15 -0.92
N VAL A 87 43.74 -11.85 -0.83
CA VAL A 87 43.20 -11.31 0.41
C VAL A 87 43.34 -12.31 1.54
N LEU A 88 43.04 -13.59 1.27
CA LEU A 88 43.20 -14.62 2.29
C LEU A 88 44.66 -14.77 2.72
N ARG A 89 45.59 -14.68 1.77
CA ARG A 89 47.00 -14.79 2.10
C ARG A 89 47.44 -13.67 3.03
N GLN A 90 46.97 -12.44 2.77
CA GLN A 90 47.30 -11.32 3.64
C GLN A 90 46.61 -11.44 4.99
N LEU A 91 45.40 -11.99 5.04
CA LEU A 91 44.68 -12.13 6.31
C LEU A 91 45.38 -13.11 7.25
N GLN A 92 46.14 -14.06 6.71
CA GLN A 92 46.84 -15.02 7.55
C GLN A 92 48.12 -14.45 8.16
N THR A 93 48.54 -13.26 7.75
CA THR A 93 49.76 -12.65 8.26
C THR A 93 49.51 -11.62 9.35
N LEU A 94 48.26 -11.21 9.57
CA LEU A 94 48.00 -10.19 10.57
C LEU A 94 48.20 -10.72 11.98
N ALA A 95 47.68 -11.90 12.28
CA ALA A 95 47.77 -12.49 13.60
C ALA A 95 49.23 -12.68 14.04
N PRO A 96 50.15 -13.14 13.18
CA PRO A 96 51.56 -13.19 13.59
C PRO A 96 52.13 -11.84 13.98
N LYS A 97 51.68 -10.76 13.37
CA LYS A 97 52.22 -9.44 13.68
C LYS A 97 51.61 -8.84 14.95
N GLY A 98 50.64 -9.50 15.56
CA GLY A 98 50.02 -9.00 16.77
C GLY A 98 48.67 -8.33 16.59
N VAL A 99 48.12 -8.32 15.39
CA VAL A 99 46.81 -7.71 15.16
C VAL A 99 45.75 -8.64 15.71
N ASN A 100 44.86 -8.09 16.54
CA ASN A 100 43.75 -8.87 17.11
C ASN A 100 42.66 -8.98 16.06
N VAL A 101 42.58 -10.13 15.40
CA VAL A 101 41.59 -10.37 14.36
C VAL A 101 40.40 -11.07 15.00
N ARG A 102 39.23 -10.46 14.89
CA ARG A 102 37.99 -11.04 15.39
C ARG A 102 36.98 -11.07 14.25
N ILE A 103 36.45 -12.26 13.98
CA ILE A 103 35.55 -12.49 12.85
C ILE A 103 34.24 -13.06 13.37
N ALA A 104 33.13 -12.46 12.95
CA ALA A 104 31.80 -12.97 13.24
C ALA A 104 31.20 -13.44 11.92
N VAL A 105 30.84 -14.72 11.86
CA VAL A 105 30.32 -15.33 10.64
C VAL A 105 29.04 -16.08 10.97
N SER A 106 28.03 -15.90 10.12
CA SER A 106 26.78 -16.62 10.30
C SER A 106 27.01 -18.13 10.22
N LYS A 107 26.41 -18.86 11.15
CA LYS A 107 26.62 -20.30 11.18
C LYS A 107 25.92 -20.95 9.99
N PRO A 108 26.63 -21.76 9.20
CA PRO A 108 26.00 -22.37 8.03
C PRO A 108 24.89 -23.33 8.42
N SER A 109 23.85 -23.40 7.58
CA SER A 109 22.73 -24.29 7.85
C SER A 109 23.15 -25.75 7.75
N GLY A 110 23.90 -26.10 6.71
CA GLY A 110 24.35 -27.46 6.52
C GLY A 110 25.71 -27.70 7.12
N PRO A 111 26.26 -28.90 6.92
CA PRO A 111 27.60 -29.23 7.41
C PRO A 111 28.70 -28.86 6.41
N GLN A 112 28.69 -27.61 5.96
CA GLN A 112 29.69 -27.16 5.00
C GLN A 112 31.02 -26.91 5.70
N PRO A 113 32.10 -27.54 5.26
CA PRO A 113 33.40 -27.27 5.89
C PRO A 113 33.86 -25.84 5.62
N GLN A 114 34.59 -25.30 6.58
CA GLN A 114 35.11 -23.94 6.50
C GLN A 114 36.63 -24.02 6.33
N ALA A 115 37.07 -24.15 5.08
CA ALA A 115 38.50 -24.20 4.79
C ALA A 115 39.16 -22.87 5.07
N ASP A 116 38.50 -21.76 4.74
CA ASP A 116 39.10 -20.45 4.96
C ASP A 116 39.14 -20.10 6.44
N LEU A 117 38.04 -20.33 7.16
CA LEU A 117 37.99 -19.96 8.57
C LEU A 117 38.97 -20.78 9.41
N GLN A 118 39.13 -22.07 9.09
CA GLN A 118 40.12 -22.87 9.80
C GLN A 118 41.53 -22.41 9.50
N ALA A 119 41.78 -21.91 8.28
CA ALA A 119 43.09 -21.38 7.95
C ALA A 119 43.45 -20.18 8.83
N LEU A 120 42.48 -19.29 9.06
CA LEU A 120 42.72 -18.17 9.94
C LEU A 120 42.74 -18.56 11.41
N LEU A 121 42.04 -19.63 11.78
CA LEU A 121 42.00 -20.04 13.18
C LEU A 121 43.38 -20.51 13.66
N GLN A 122 44.10 -21.26 12.83
CA GLN A 122 45.43 -21.70 13.21
C GLN A 122 46.46 -20.58 13.13
N SER A 123 46.17 -19.51 12.40
CA SER A 123 47.09 -18.37 12.33
C SER A 123 47.10 -17.57 13.62
N GLY A 124 45.99 -17.53 14.34
CA GLY A 124 45.87 -16.77 15.59
C GLY A 124 44.62 -15.93 15.70
N ALA A 125 43.77 -15.89 14.68
CA ALA A 125 42.55 -15.11 14.74
C ALA A 125 41.51 -15.81 15.62
N GLN A 126 40.47 -15.07 15.96
CA GLN A 126 39.34 -15.61 16.73
C GLN A 126 38.11 -15.57 15.84
N VAL A 127 37.48 -16.73 15.65
CA VAL A 127 36.30 -16.88 14.82
C VAL A 127 35.15 -17.36 15.67
N ARG A 128 34.01 -16.67 15.59
CA ARG A 128 32.82 -17.03 16.33
C ARG A 128 31.64 -17.12 15.38
N MET A 129 30.91 -18.22 15.45
CA MET A 129 29.72 -18.43 14.64
C MET A 129 28.50 -17.99 15.44
N VAL A 130 27.64 -17.21 14.81
CA VAL A 130 26.46 -16.63 15.47
C VAL A 130 25.23 -17.33 14.94
N ASP A 131 24.44 -17.91 15.84
CA ASP A 131 23.23 -18.64 15.47
C ASP A 131 22.06 -17.66 15.40
N MET A 132 21.98 -16.95 14.28
CA MET A 132 20.84 -16.07 14.04
C MET A 132 19.54 -16.83 13.83
N GLN A 133 19.60 -18.05 13.30
CA GLN A 133 18.40 -18.83 13.05
C GLN A 133 17.65 -19.19 14.33
N LYS A 134 18.31 -19.09 15.48
CA LYS A 134 17.68 -19.35 16.77
C LYS A 134 17.36 -18.07 17.52
N LEU A 135 18.29 -17.12 17.53
CA LEU A 135 18.08 -15.89 18.31
C LEU A 135 16.97 -15.03 17.71
N THR A 136 17.02 -14.80 16.40
CA THR A 136 16.02 -13.96 15.73
C THR A 136 15.40 -14.67 14.53
N HIS A 137 15.69 -15.95 14.34
CA HIS A 137 15.15 -16.73 13.24
C HIS A 137 15.50 -16.10 11.89
N GLY A 138 16.75 -15.69 11.76
CA GLY A 138 17.26 -15.08 10.54
C GLY A 138 18.69 -15.50 10.30
N VAL A 139 19.42 -14.65 9.58
CA VAL A 139 20.83 -14.88 9.28
C VAL A 139 21.60 -13.59 9.54
N LEU A 140 22.92 -13.69 9.48
CA LEU A 140 23.81 -12.54 9.68
C LEU A 140 24.26 -12.05 8.30
N HIS A 141 23.45 -11.19 7.70
CA HIS A 141 23.72 -10.68 6.37
C HIS A 141 24.62 -9.46 6.37
N THR A 142 24.98 -8.93 7.54
CA THR A 142 25.80 -7.74 7.63
C THR A 142 27.19 -8.00 7.08
N LYS A 143 27.82 -6.97 6.53
CA LYS A 143 29.14 -7.06 5.93
C LYS A 143 29.88 -5.75 6.18
N PHE A 144 30.85 -5.77 7.09
CA PHE A 144 31.65 -4.58 7.32
C PHE A 144 32.98 -4.95 7.95
N TRP A 145 33.92 -4.01 7.87
CA TRP A 145 35.25 -4.14 8.45
C TRP A 145 35.48 -2.99 9.41
N VAL A 146 36.38 -3.19 10.38
CA VAL A 146 36.82 -2.14 11.28
C VAL A 146 38.32 -2.32 11.48
N VAL A 147 39.12 -1.43 10.91
CA VAL A 147 40.57 -1.54 10.93
C VAL A 147 41.11 -0.52 11.92
N ASP A 148 41.76 -1.00 12.99
CA ASP A 148 42.40 -0.17 13.99
C ASP A 148 41.43 0.82 14.64
N GLN A 149 40.13 0.57 14.51
CA GLN A 149 39.09 1.49 14.99
C GLN A 149 39.28 2.89 14.40
N THR A 150 39.88 2.96 13.24
CA THR A 150 40.10 4.23 12.56
C THR A 150 39.49 4.28 11.17
N HIS A 151 39.63 3.16 10.43
CA HIS A 151 39.05 3.07 9.06
C HIS A 151 38.08 1.88 9.02
N PHE A 152 36.89 2.09 8.45
CA PHE A 152 35.93 1.00 8.33
C PHE A 152 35.41 0.94 6.90
N TYR A 153 35.13 -0.27 6.44
CA TYR A 153 34.51 -0.51 5.16
C TYR A 153 33.10 -1.03 5.38
N LEU A 154 32.11 -0.40 4.74
CA LEU A 154 30.74 -0.85 4.78
C LEU A 154 30.24 -1.01 3.36
N GLY A 155 29.73 -2.19 3.03
CA GLY A 155 29.29 -2.45 1.68
C GLY A 155 28.61 -3.80 1.60
N SER A 156 28.34 -4.22 0.38
CA SER A 156 27.65 -5.47 0.12
C SER A 156 28.59 -6.63 -0.18
N ALA A 157 29.90 -6.40 -0.16
CA ALA A 157 30.84 -7.42 -0.60
C ALA A 157 31.01 -8.50 0.45
N ASN A 158 30.76 -9.75 0.06
CA ASN A 158 31.00 -10.90 0.92
C ASN A 158 32.48 -11.26 0.85
N MET A 159 32.88 -12.29 1.59
CA MET A 159 34.26 -12.77 1.55
C MET A 159 34.40 -13.83 0.46
N ASP A 160 34.05 -13.41 -0.76
CA ASP A 160 34.09 -14.27 -1.93
C ASP A 160 35.23 -13.85 -2.84
N TRP A 161 35.78 -14.82 -3.56
CA TRP A 161 36.61 -14.48 -4.70
C TRP A 161 35.76 -14.03 -5.89
N ARG A 162 34.48 -14.40 -5.90
CA ARG A 162 33.54 -13.94 -6.92
C ARG A 162 33.03 -12.54 -6.63
N SER A 163 33.11 -12.07 -5.38
CA SER A 163 32.68 -10.73 -5.04
C SER A 163 33.69 -9.66 -5.44
N LEU A 164 34.88 -10.07 -5.90
CA LEU A 164 35.90 -9.13 -6.29
C LEU A 164 36.12 -9.05 -7.80
N THR A 165 35.72 -10.08 -8.55
CA THR A 165 35.94 -10.11 -9.99
C THR A 165 34.75 -10.56 -10.81
N GLN A 166 33.73 -11.16 -10.21
CA GLN A 166 32.63 -11.74 -10.98
C GLN A 166 31.30 -11.03 -10.79
N VAL A 167 31.01 -10.50 -9.60
CA VAL A 167 29.77 -9.80 -9.37
C VAL A 167 30.06 -8.31 -9.28
N LYS A 168 29.02 -7.50 -9.44
CA LYS A 168 29.13 -6.05 -9.35
C LYS A 168 28.57 -5.60 -8.00
N GLU A 169 29.35 -4.80 -7.28
CA GLU A 169 29.01 -4.43 -5.92
C GLU A 169 29.23 -2.94 -5.73
N LEU A 170 29.06 -2.47 -4.49
CA LEU A 170 29.35 -1.10 -4.14
C LEU A 170 29.45 -0.98 -2.63
N GLY A 171 30.54 -0.37 -2.16
CA GLY A 171 30.73 -0.11 -0.75
C GLY A 171 31.44 1.21 -0.54
N VAL A 172 31.55 1.61 0.72
CA VAL A 172 32.21 2.86 1.09
C VAL A 172 33.29 2.56 2.11
N VAL A 173 34.49 3.06 1.87
CA VAL A 173 35.60 2.98 2.81
C VAL A 173 35.80 4.37 3.39
N MET A 174 35.61 4.50 4.69
CA MET A 174 35.71 5.78 5.38
C MET A 174 37.03 5.81 6.14
N TYR A 175 37.98 6.59 5.65
CA TYR A 175 39.31 6.64 6.22
C TYR A 175 39.41 7.68 7.31
N ASN A 176 40.24 7.39 8.32
CA ASN A 176 40.64 8.35 9.34
C ASN A 176 39.45 8.88 10.13
N CYS A 177 38.38 8.11 10.24
CA CYS A 177 37.19 8.51 11.00
C CYS A 177 37.13 7.66 12.25
N SER A 178 37.82 8.11 13.30
CA SER A 178 37.87 7.34 14.54
C SER A 178 36.52 7.33 15.25
N CYS A 179 35.83 8.47 15.27
CA CYS A 179 34.56 8.55 15.97
C CYS A 179 33.50 7.67 15.32
N LEU A 180 33.45 7.66 13.98
CA LEU A 180 32.45 6.86 13.28
C LEU A 180 32.78 5.36 13.31
N ALA A 181 34.05 4.99 13.17
CA ALA A 181 34.41 3.58 13.25
C ALA A 181 34.12 3.00 14.61
N ARG A 182 34.36 3.78 15.67
CA ARG A 182 34.09 3.30 17.02
C ARG A 182 32.61 3.03 17.22
N ASP A 183 31.75 3.80 16.56
CA ASP A 183 30.31 3.50 16.60
C ASP A 183 30.01 2.18 15.92
N LEU A 184 30.67 1.88 14.80
CA LEU A 184 30.47 0.59 14.14
C LEU A 184 30.97 -0.57 14.98
N THR A 185 31.97 -0.35 15.84
CA THR A 185 32.48 -1.42 16.69
C THR A 185 31.42 -1.91 17.65
N LYS A 186 30.62 -0.99 18.21
CA LYS A 186 29.57 -1.39 19.13
C LYS A 186 28.56 -2.32 18.48
N ILE A 187 28.28 -2.13 17.18
CA ILE A 187 27.43 -3.08 16.47
C ILE A 187 28.13 -4.44 16.39
N PHE A 188 29.42 -4.45 16.08
CA PHE A 188 30.16 -5.70 16.05
C PHE A 188 30.25 -6.33 17.42
N GLU A 189 30.28 -5.52 18.49
CA GLU A 189 30.31 -6.07 19.83
C GLU A 189 29.04 -6.86 20.14
N ALA A 190 27.91 -6.46 19.56
CA ALA A 190 26.68 -7.22 19.75
C ALA A 190 26.79 -8.61 19.12
N TYR A 191 27.30 -8.70 17.89
CA TYR A 191 27.48 -10.00 17.27
C TYR A 191 28.51 -10.83 18.00
N TRP A 192 29.59 -10.21 18.48
CA TRP A 192 30.59 -10.94 19.26
C TRP A 192 30.00 -11.51 20.53
N PHE A 193 29.15 -10.73 21.22
CA PHE A 193 28.50 -11.23 22.43
C PHE A 193 27.57 -12.40 22.10
N LEU A 194 26.80 -12.28 21.02
CA LEU A 194 25.88 -13.34 20.63
C LEU A 194 26.60 -14.55 20.05
N GLY A 195 27.83 -14.38 19.56
CA GLY A 195 28.56 -15.51 19.02
C GLY A 195 28.94 -16.52 20.08
N GLN A 196 29.00 -16.08 21.34
CA GLN A 196 29.28 -16.97 22.44
C GLN A 196 28.21 -18.06 22.53
N ALA A 197 28.66 -19.30 22.69
CA ALA A 197 27.73 -20.41 22.80
C ALA A 197 26.89 -20.28 24.06
N GLY A 198 25.57 -20.46 23.91
CA GLY A 198 24.66 -20.36 25.03
C GLY A 198 24.28 -18.95 25.43
N SER A 199 24.67 -17.94 24.65
CA SER A 199 24.34 -16.55 24.96
C SER A 199 23.06 -16.16 24.24
N SER A 200 22.09 -15.64 24.99
CA SER A 200 20.82 -15.22 24.44
C SER A 200 20.72 -13.70 24.41
N ILE A 201 19.74 -13.21 23.66
CA ILE A 201 19.56 -11.75 23.53
C ILE A 201 19.02 -11.20 24.85
N PRO A 202 19.72 -10.27 25.49
CA PRO A 202 19.19 -9.66 26.71
C PRO A 202 17.96 -8.81 26.42
N SER A 203 17.12 -8.67 27.44
CA SER A 203 15.93 -7.85 27.32
C SER A 203 16.30 -6.40 27.05
N THR A 204 17.31 -5.88 27.75
CA THR A 204 17.84 -4.55 27.50
C THR A 204 19.36 -4.65 27.43
N TRP A 205 19.94 -4.08 26.38
CA TRP A 205 21.39 -4.12 26.22
C TRP A 205 22.05 -3.22 27.26
N PRO A 206 23.23 -3.59 27.74
CA PRO A 206 23.96 -2.73 28.66
C PRO A 206 24.42 -1.45 27.98
N ARG A 207 24.97 -0.53 28.79
CA ARG A 207 25.40 0.77 28.23
C ARG A 207 26.55 0.56 27.24
N PHE A 208 27.32 -0.51 27.39
CA PHE A 208 28.48 -0.71 26.52
C PHE A 208 28.08 -0.70 25.05
N TYR A 209 26.95 -1.30 24.72
CA TYR A 209 26.48 -1.35 23.34
C TYR A 209 25.59 -0.17 22.98
N ASP A 210 25.31 0.73 23.90
CA ASP A 210 24.45 1.86 23.62
C ASP A 210 25.22 2.93 22.85
N THR A 211 24.49 3.67 22.01
CA THR A 211 25.07 4.75 21.22
C THR A 211 24.24 6.01 21.39
N ARG A 212 24.88 7.14 21.14
CA ARG A 212 24.23 8.44 21.28
C ARG A 212 24.08 9.18 19.96
N TYR A 213 24.44 8.56 18.85
CA TYR A 213 24.34 9.17 17.52
C TYR A 213 23.25 8.45 16.74
N ASN A 214 22.02 8.87 16.94
CA ASN A 214 20.86 8.29 16.27
C ASN A 214 20.39 9.23 15.16
N GLN A 215 19.23 8.90 14.58
CA GLN A 215 18.66 9.74 13.53
C GLN A 215 18.31 11.13 14.06
N GLU A 216 17.78 11.19 15.28
CA GLU A 216 17.40 12.48 15.85
C GLU A 216 18.61 13.37 16.08
N THR A 217 19.72 12.81 16.55
CA THR A 217 20.93 13.57 16.82
C THR A 217 22.13 12.88 16.17
N PRO A 218 22.26 12.99 14.85
CA PRO A 218 23.43 12.43 14.18
C PRO A 218 24.69 13.19 14.55
N MET A 219 25.82 12.50 14.39
CA MET A 219 27.11 13.11 14.77
C MET A 219 27.59 14.02 13.65
N GLU A 220 28.42 15.01 14.02
CA GLU A 220 28.97 15.95 13.05
C GLU A 220 30.41 15.57 12.75
N ILE A 221 30.70 15.36 11.47
CA ILE A 221 32.06 15.00 11.03
C ILE A 221 32.53 16.01 10.01
N CYS A 222 33.74 15.83 9.49
CA CYS A 222 34.30 16.69 8.47
C CYS A 222 34.64 15.82 7.27
N LEU A 223 33.67 15.61 6.40
CA LEU A 223 33.84 14.77 5.21
C LEU A 223 34.59 15.58 4.15
N ASN A 224 35.87 15.28 3.99
CA ASN A 224 36.74 16.00 3.05
C ASN A 224 36.71 17.50 3.33
N GLY A 225 36.69 17.86 4.60
CA GLY A 225 36.63 19.26 5.02
C GLY A 225 35.24 19.81 5.23
N THR A 226 34.32 19.51 4.32
CA THR A 226 32.95 20.01 4.44
C THR A 226 32.24 19.30 5.58
N PRO A 227 31.61 20.03 6.51
CA PRO A 227 30.89 19.37 7.60
C PRO A 227 29.70 18.56 7.09
N ALA A 228 29.41 17.49 7.82
CA ALA A 228 28.33 16.58 7.43
C ALA A 228 27.77 15.90 8.66
N LEU A 229 26.58 15.32 8.51
CA LEU A 229 25.92 14.60 9.57
C LEU A 229 25.81 13.13 9.18
N ALA A 230 26.23 12.24 10.07
CA ALA A 230 26.23 10.82 9.78
C ALA A 230 25.82 10.02 11.01
N TYR A 231 25.14 8.89 10.78
CA TYR A 231 24.72 8.00 11.89
C TYR A 231 24.53 6.60 11.32
N LEU A 232 24.73 5.57 12.14
CA LEU A 232 24.61 4.17 11.65
C LEU A 232 23.28 3.56 12.11
N ALA A 233 22.62 2.82 11.22
CA ALA A 233 21.33 2.17 11.58
C ALA A 233 21.47 0.66 11.44
N SER A 234 21.01 -0.11 12.44
CA SER A 234 21.24 -1.58 12.40
C SER A 234 19.92 -2.37 12.46
N ALA A 235 20.02 -3.70 12.35
CA ALA A 235 18.83 -4.58 12.42
C ALA A 235 19.31 -5.97 12.87
N PRO A 236 18.43 -6.87 13.38
CA PRO A 236 17.03 -6.55 13.61
C PRO A 236 16.82 -5.86 14.95
N PRO A 237 15.61 -5.32 15.21
CA PRO A 237 15.34 -4.60 16.45
C PRO A 237 15.81 -5.32 17.74
N PRO A 238 15.54 -6.63 17.93
CA PRO A 238 16.04 -7.32 19.12
C PRO A 238 17.47 -6.91 19.47
N LEU A 239 18.29 -6.64 18.45
CA LEU A 239 19.69 -6.30 18.70
C LEU A 239 19.94 -4.81 18.82
N CYS A 240 19.00 -3.98 18.38
CA CYS A 240 19.19 -2.53 18.46
C CYS A 240 18.98 -2.06 19.89
N PRO A 241 19.96 -1.39 20.49
CA PRO A 241 19.74 -0.80 21.82
C PRO A 241 18.82 0.41 21.75
N SER A 242 18.63 1.08 22.89
CA SER A 242 17.73 2.22 22.93
C SER A 242 18.19 3.36 22.03
N GLY A 243 19.49 3.66 22.01
CA GLY A 243 20.00 4.78 21.23
C GLY A 243 20.27 4.51 19.77
N ARG A 244 20.06 3.29 19.31
CA ARG A 244 20.34 2.94 17.92
C ARG A 244 19.08 3.07 17.08
N THR A 245 19.19 3.78 15.97
CA THR A 245 18.06 3.93 15.07
C THR A 245 17.82 2.65 14.29
N PRO A 246 16.61 2.11 14.28
CA PRO A 246 16.33 0.92 13.46
C PRO A 246 16.54 1.21 11.99
N ASP A 247 16.95 0.17 11.26
CA ASP A 247 17.27 0.33 9.84
C ASP A 247 16.06 0.75 9.04
N LEU A 248 14.88 0.18 9.32
CA LEU A 248 13.68 0.55 8.59
C LEU A 248 13.31 2.01 8.84
N LYS A 249 13.43 2.47 10.09
CA LYS A 249 13.11 3.86 10.40
C LYS A 249 14.03 4.81 9.66
N ALA A 250 15.33 4.49 9.63
CA ALA A 250 16.27 5.32 8.90
C ALA A 250 16.00 5.29 7.40
N LEU A 251 15.66 4.13 6.86
CA LEU A 251 15.36 4.02 5.44
C LEU A 251 14.13 4.85 5.07
N LEU A 252 13.08 4.78 5.89
CA LEU A 252 11.84 5.51 5.60
C LEU A 252 12.01 7.01 5.78
N ASN A 253 12.90 7.43 6.68
CA ASN A 253 13.12 8.86 6.87
C ASN A 253 13.71 9.51 5.63
N VAL A 254 14.60 8.81 4.93
CA VAL A 254 15.16 9.35 3.69
C VAL A 254 14.08 9.50 2.63
N VAL A 255 13.19 8.52 2.52
CA VAL A 255 12.12 8.59 1.54
C VAL A 255 11.15 9.70 1.90
N ASP A 256 10.89 9.90 3.18
CA ASP A 256 9.92 10.91 3.60
C ASP A 256 10.44 12.32 3.41
N ASN A 257 11.75 12.53 3.55
CA ASN A 257 12.33 13.86 3.47
C ASN A 257 12.75 14.25 2.06
N ALA A 258 12.63 13.34 1.09
CA ALA A 258 13.02 13.66 -0.28
C ALA A 258 11.98 14.58 -0.92
N ARG A 259 12.48 15.56 -1.68
CA ARG A 259 11.61 16.52 -2.35
C ARG A 259 11.81 16.61 -3.85
N SER A 260 12.94 16.14 -4.38
CA SER A 260 13.23 16.25 -5.79
C SER A 260 13.26 14.89 -6.48
N PHE A 261 14.07 13.95 -6.00
CA PHE A 261 14.15 12.64 -6.63
C PHE A 261 14.59 11.61 -5.60
N ILE A 262 14.31 10.34 -5.92
CA ILE A 262 14.78 9.21 -5.14
C ILE A 262 15.37 8.19 -6.10
N TYR A 263 16.64 7.85 -5.92
CA TYR A 263 17.32 6.86 -6.73
C TYR A 263 17.61 5.65 -5.86
N VAL A 264 17.08 4.48 -6.27
CA VAL A 264 17.22 3.25 -5.51
C VAL A 264 17.83 2.19 -6.42
N ALA A 265 18.92 1.56 -5.96
CA ALA A 265 19.53 0.45 -6.65
C ALA A 265 19.72 -0.68 -5.64
N VAL A 266 18.83 -1.66 -5.68
CA VAL A 266 18.84 -2.77 -4.73
C VAL A 266 18.70 -4.07 -5.49
N MET A 267 19.32 -5.14 -4.99
CA MET A 267 19.26 -6.41 -5.76
C MET A 267 17.83 -6.95 -5.77
N ASN A 268 17.19 -7.03 -4.60
CA ASN A 268 15.82 -7.63 -4.52
C ASN A 268 14.87 -6.66 -3.81
N TYR A 269 13.65 -6.51 -4.32
CA TYR A 269 12.64 -5.64 -3.67
C TYR A 269 11.33 -6.40 -3.57
N LEU A 270 11.01 -6.92 -2.38
CA LEU A 270 9.72 -7.63 -2.18
C LEU A 270 8.98 -7.00 -0.99
N PRO A 271 7.75 -6.48 -1.18
CA PRO A 271 6.99 -5.94 -0.07
C PRO A 271 6.30 -7.08 0.69
N THR A 272 7.05 -8.14 0.99
CA THR A 272 6.47 -9.32 1.66
C THR A 272 7.50 -9.90 2.61
N LEU A 273 7.05 -10.48 3.73
CA LEU A 273 8.01 -11.19 4.62
C LEU A 273 8.33 -12.53 3.95
N GLU A 274 9.43 -12.60 3.21
CA GLU A 274 9.78 -13.84 2.45
C GLU A 274 10.05 -15.00 3.42
N PHE A 275 9.91 -16.23 2.93
CA PHE A 275 10.19 -17.45 3.76
C PHE A 275 9.03 -17.66 4.74
N SER A 276 8.75 -16.65 5.56
CA SER A 276 7.66 -16.75 6.56
C SER A 276 6.35 -17.14 5.83
N HIS A 277 5.74 -18.25 6.23
CA HIS A 277 4.47 -18.70 5.60
C HIS A 277 3.42 -18.93 6.68
N PRO A 278 2.19 -18.37 6.53
CA PRO A 278 1.67 -18.03 5.22
C PRO A 278 2.19 -16.69 4.70
N HIS A 279 2.23 -16.53 3.38
CA HIS A 279 2.73 -15.27 2.77
C HIS A 279 2.23 -14.07 3.57
N ARG A 280 3.14 -13.31 4.19
CA ARG A 280 2.76 -12.12 4.97
C ARG A 280 3.00 -10.90 4.06
N PHE A 281 2.04 -9.98 4.00
CA PHE A 281 2.20 -8.75 3.19
C PHE A 281 3.00 -7.79 4.03
N TRP A 282 3.81 -6.97 3.36
CA TRP A 282 4.70 -6.04 4.08
C TRP A 282 4.81 -4.76 3.28
N PRO A 283 3.79 -3.91 3.33
CA PRO A 283 3.80 -2.66 2.54
C PRO A 283 4.40 -1.50 3.32
N ALA A 284 5.61 -1.69 3.84
CA ALA A 284 6.29 -0.64 4.58
C ALA A 284 7.03 0.31 3.65
N ILE A 285 7.95 -0.23 2.85
CA ILE A 285 8.68 0.60 1.90
C ILE A 285 7.83 0.88 0.66
N ASP A 286 6.89 -0.01 0.34
CA ASP A 286 6.03 0.21 -0.82
C ASP A 286 5.16 1.44 -0.64
N ASP A 287 4.62 1.64 0.56
CA ASP A 287 3.79 2.81 0.82
C ASP A 287 4.60 4.09 0.85
N GLY A 288 5.86 4.05 1.31
CA GLY A 288 6.68 5.24 1.32
C GLY A 288 6.97 5.77 -0.07
N LEU A 289 7.25 4.88 -1.01
CA LEU A 289 7.50 5.31 -2.38
C LEU A 289 6.24 5.85 -3.05
N ARG A 290 5.09 5.22 -2.82
CA ARG A 290 3.85 5.72 -3.41
C ARG A 290 3.46 7.07 -2.84
N ARG A 291 3.67 7.29 -1.54
CA ARG A 291 3.40 8.59 -0.96
C ARG A 291 4.31 9.66 -1.56
N ALA A 292 5.59 9.33 -1.79
CA ALA A 292 6.53 10.32 -2.28
C ALA A 292 6.15 10.82 -3.66
N THR A 293 5.76 9.94 -4.56
CA THR A 293 5.48 10.35 -5.92
C THR A 293 4.10 11.01 -6.06
N TYR A 294 3.15 10.65 -5.21
CA TYR A 294 1.82 11.23 -5.30
C TYR A 294 1.72 12.53 -4.50
N GLU A 295 1.98 12.47 -3.20
CA GLU A 295 1.85 13.66 -2.37
C GLU A 295 2.85 14.74 -2.75
N ARG A 296 4.04 14.34 -3.19
CA ARG A 296 5.09 15.27 -3.57
C ARG A 296 5.49 15.02 -5.01
N GLY A 297 6.17 16.01 -5.60
CA GLY A 297 6.60 15.88 -6.98
C GLY A 297 7.92 15.15 -7.11
N VAL A 298 8.09 14.08 -6.33
CA VAL A 298 9.32 13.32 -6.28
C VAL A 298 9.29 12.30 -7.40
N LYS A 299 10.41 12.24 -8.12
CA LYS A 299 10.62 11.26 -9.21
C LYS A 299 11.38 10.06 -8.62
N VAL A 300 10.86 8.85 -8.79
CA VAL A 300 11.46 7.67 -8.18
C VAL A 300 11.95 6.77 -9.29
N ARG A 301 13.21 6.37 -9.22
CA ARG A 301 13.82 5.46 -10.19
C ARG A 301 14.31 4.24 -9.44
N LEU A 302 13.81 3.07 -9.87
CA LEU A 302 14.16 1.79 -9.20
C LEU A 302 15.00 0.92 -10.12
N LEU A 303 16.18 0.51 -9.66
CA LEU A 303 17.07 -0.36 -10.42
C LEU A 303 17.21 -1.67 -9.66
N ILE A 304 16.59 -2.72 -10.19
CA ILE A 304 16.57 -4.03 -9.57
C ILE A 304 17.47 -4.97 -10.37
N SER A 305 18.08 -5.93 -9.69
CA SER A 305 18.97 -6.89 -10.32
C SER A 305 18.23 -8.20 -10.56
N CYS A 306 18.38 -8.75 -11.76
CA CYS A 306 17.74 -10.00 -12.13
C CYS A 306 18.79 -11.02 -12.56
N TRP A 307 18.63 -12.24 -12.04
CA TRP A 307 19.52 -13.36 -12.40
C TRP A 307 18.70 -14.65 -12.36
N GLY A 308 19.38 -15.79 -12.46
CA GLY A 308 18.70 -17.08 -12.44
C GLY A 308 18.06 -17.43 -11.12
N HIS A 309 18.56 -16.88 -10.02
CA HIS A 309 18.04 -17.20 -8.69
C HIS A 309 17.13 -16.11 -8.13
N SER A 310 16.71 -15.17 -8.95
CA SER A 310 15.77 -14.15 -8.49
C SER A 310 14.38 -14.75 -8.33
N GLU A 311 13.65 -14.24 -7.34
CA GLU A 311 12.31 -14.75 -7.06
C GLU A 311 11.35 -14.33 -8.16
N PRO A 312 10.72 -15.27 -8.87
CA PRO A 312 9.80 -14.88 -9.95
C PRO A 312 8.58 -14.11 -9.47
N SER A 313 8.21 -14.23 -8.20
CA SER A 313 7.10 -13.47 -7.65
C SER A 313 7.39 -11.98 -7.56
N MET A 314 8.64 -11.57 -7.75
CA MET A 314 9.02 -10.17 -7.59
C MET A 314 8.55 -9.29 -8.75
N ARG A 315 8.21 -9.89 -9.89
CA ARG A 315 7.78 -9.09 -11.02
C ARG A 315 6.41 -8.45 -10.78
N ALA A 316 5.48 -9.19 -10.19
CA ALA A 316 4.13 -8.68 -10.01
C ALA A 316 4.11 -7.45 -9.12
N PHE A 317 4.96 -7.40 -8.09
CA PHE A 317 5.03 -6.24 -7.22
C PHE A 317 5.78 -5.08 -7.86
N LEU A 318 6.56 -5.33 -8.90
CA LEU A 318 7.22 -4.25 -9.62
C LEU A 318 6.34 -3.67 -10.71
N LEU A 319 5.55 -4.50 -11.38
CA LEU A 319 4.58 -4.00 -12.34
C LEU A 319 3.49 -3.18 -11.64
N SER A 320 3.13 -3.58 -10.42
CA SER A 320 2.16 -2.82 -9.64
C SER A 320 2.71 -1.47 -9.19
N LEU A 321 4.02 -1.28 -9.23
CA LEU A 321 4.62 -0.01 -8.86
C LEU A 321 4.88 0.88 -10.06
N ALA A 322 5.30 0.30 -11.19
CA ALA A 322 5.57 1.07 -12.39
C ALA A 322 4.29 1.54 -13.08
N ALA A 323 3.13 1.05 -12.62
CA ALA A 323 1.84 1.41 -13.24
C ALA A 323 1.44 2.83 -12.84
N LEU A 324 1.96 3.31 -11.71
CA LEU A 324 1.59 4.66 -11.21
C LEU A 324 2.49 5.72 -11.86
N ARG A 325 2.33 5.95 -13.16
CA ARG A 325 3.12 7.00 -13.85
C ARG A 325 2.34 7.54 -15.05
N ASP A 326 1.65 8.68 -14.89
CA ASP A 326 0.93 9.30 -16.03
C ASP A 326 0.72 10.80 -15.74
N ASN A 327 0.28 11.56 -16.75
CA ASN A 327 0.04 13.00 -16.58
C ASN A 327 -1.04 13.24 -15.52
N HIS A 328 -2.17 12.55 -15.62
CA HIS A 328 -3.31 12.77 -14.69
C HIS A 328 -2.82 12.69 -13.24
N THR A 329 -2.18 11.59 -12.86
CA THR A 329 -1.75 11.42 -11.48
C THR A 329 -0.53 12.27 -11.14
N HIS A 330 0.20 12.75 -12.15
CA HIS A 330 1.39 13.56 -11.95
C HIS A 330 2.43 12.84 -11.10
N SER A 331 2.55 11.53 -11.31
CA SER A 331 3.53 10.71 -10.62
C SER A 331 4.60 10.25 -11.62
N ASP A 332 5.76 9.89 -11.09
CA ASP A 332 6.90 9.49 -11.91
C ASP A 332 7.64 8.35 -11.19
N ILE A 333 7.28 7.12 -11.53
CA ILE A 333 8.01 5.94 -11.06
C ILE A 333 8.45 5.15 -12.29
N GLN A 334 9.75 4.90 -12.38
CA GLN A 334 10.32 4.07 -13.43
C GLN A 334 11.09 2.92 -12.79
N VAL A 335 10.86 1.71 -13.30
CA VAL A 335 11.52 0.52 -12.80
C VAL A 335 12.31 -0.10 -13.94
N LYS A 336 13.58 -0.39 -13.70
CA LYS A 336 14.45 -1.00 -14.68
C LYS A 336 15.17 -2.18 -14.05
N LEU A 337 15.53 -3.15 -14.88
CA LEU A 337 16.22 -4.36 -14.43
C LEU A 337 17.67 -4.29 -14.88
N PHE A 338 18.60 -4.51 -13.93
CA PHE A 338 20.02 -4.57 -14.25
C PHE A 338 20.45 -6.02 -14.37
N VAL A 339 20.84 -6.42 -15.57
CA VAL A 339 21.23 -7.80 -15.86
C VAL A 339 22.69 -7.81 -16.27
N VAL A 340 23.51 -8.53 -15.51
CA VAL A 340 24.93 -8.67 -15.81
C VAL A 340 25.10 -9.76 -16.86
N PRO A 341 25.64 -9.47 -18.03
CA PRO A 341 25.80 -10.50 -19.06
C PRO A 341 26.78 -11.57 -18.61
N ALA A 342 26.54 -12.79 -19.08
CA ALA A 342 27.35 -13.94 -18.69
C ALA A 342 27.53 -14.87 -19.89
N ASP A 343 28.78 -15.22 -20.18
CA ASP A 343 29.09 -16.19 -21.22
C ASP A 343 29.17 -17.59 -20.61
N GLU A 344 29.59 -18.56 -21.42
CA GLU A 344 29.59 -19.95 -20.93
C GLU A 344 30.57 -20.14 -19.78
N ALA A 345 31.76 -19.54 -19.87
CA ALA A 345 32.74 -19.68 -18.81
C ALA A 345 32.24 -19.07 -17.51
N GLN A 346 31.62 -17.90 -17.59
CA GLN A 346 31.12 -17.25 -16.38
C GLN A 346 29.88 -17.95 -15.85
N ALA A 347 29.11 -18.59 -16.74
CA ALA A 347 27.91 -19.28 -16.31
C ALA A 347 28.23 -20.49 -15.44
N ARG A 348 29.41 -21.09 -15.66
CA ARG A 348 29.79 -22.31 -14.91
C ARG A 348 30.06 -21.97 -13.42
N ILE A 349 30.41 -20.73 -13.12
CA ILE A 349 30.67 -20.33 -11.73
C ILE A 349 29.33 -20.10 -11.03
N PRO A 350 29.08 -20.77 -9.90
CA PRO A 350 27.78 -20.62 -9.23
C PRO A 350 27.68 -19.31 -8.47
N TYR A 351 26.53 -18.66 -8.63
CA TYR A 351 26.24 -17.38 -7.96
C TYR A 351 27.32 -16.35 -8.26
N ALA A 352 27.50 -16.08 -9.55
CA ALA A 352 28.67 -15.33 -10.00
C ALA A 352 28.38 -14.08 -10.82
N ARG A 353 27.20 -13.96 -11.44
CA ARG A 353 26.93 -12.84 -12.34
C ARG A 353 25.65 -12.15 -11.88
N VAL A 354 25.79 -11.13 -11.04
CA VAL A 354 24.65 -10.39 -10.51
C VAL A 354 25.14 -9.03 -10.04
N ASN A 355 24.21 -8.09 -9.90
CA ASN A 355 24.49 -6.77 -9.38
C ASN A 355 24.07 -6.74 -7.91
N HIS A 356 25.05 -6.54 -7.02
CA HIS A 356 24.85 -6.70 -5.58
C HIS A 356 24.64 -5.39 -4.85
N ASN A 357 24.62 -4.25 -5.54
CA ASN A 357 24.56 -2.96 -4.87
C ASN A 357 23.21 -2.77 -4.19
N LYS A 358 23.24 -2.23 -2.98
CA LYS A 358 22.04 -1.93 -2.19
C LYS A 358 22.22 -0.55 -1.56
N TYR A 359 21.68 0.48 -2.20
CA TYR A 359 21.84 1.84 -1.70
C TYR A 359 20.72 2.71 -2.25
N MET A 360 20.51 3.85 -1.60
CA MET A 360 19.49 4.83 -2.05
C MET A 360 20.12 6.23 -2.05
N VAL A 361 19.82 7.02 -3.07
CA VAL A 361 20.32 8.39 -3.24
C VAL A 361 19.13 9.31 -3.43
N THR A 362 19.13 10.42 -2.70
CA THR A 362 18.13 11.47 -2.86
C THR A 362 18.84 12.77 -3.24
N GLU A 363 18.08 13.86 -3.28
CA GLU A 363 18.67 15.16 -3.56
C GLU A 363 19.35 15.77 -2.34
N ARG A 364 19.18 15.18 -1.15
CA ARG A 364 19.80 15.73 0.05
C ARG A 364 20.44 14.69 0.97
N ALA A 365 20.18 13.39 0.77
CA ALA A 365 20.67 12.39 1.70
C ALA A 365 21.24 11.21 0.92
N THR A 366 22.12 10.47 1.58
CA THR A 366 22.77 9.30 1.01
C THR A 366 22.59 8.12 1.94
N TYR A 367 22.14 6.99 1.38
CA TYR A 367 21.89 5.77 2.14
C TYR A 367 22.66 4.63 1.51
N ILE A 368 23.51 3.98 2.29
CA ILE A 368 24.27 2.81 1.85
C ILE A 368 24.03 1.70 2.85
N GLY A 369 23.44 0.59 2.38
CA GLY A 369 23.08 -0.50 3.26
C GLY A 369 23.66 -1.81 2.78
N THR A 370 23.55 -2.83 3.64
CA THR A 370 24.06 -4.16 3.35
C THR A 370 22.97 -5.21 3.26
N SER A 371 21.70 -4.80 3.31
CA SER A 371 20.58 -5.74 3.32
C SER A 371 19.61 -5.41 2.20
N ASN A 372 18.99 -6.45 1.67
CA ASN A 372 17.98 -6.27 0.63
C ASN A 372 16.74 -5.60 1.21
N TRP A 373 15.81 -5.26 0.33
CA TRP A 373 14.61 -4.50 0.71
C TRP A 373 13.39 -5.39 0.86
N SER A 374 13.59 -6.62 1.35
CA SER A 374 12.48 -7.50 1.67
C SER A 374 12.03 -7.26 3.11
N GLY A 375 11.06 -8.04 3.56
CA GLY A 375 10.52 -7.86 4.89
C GLY A 375 11.34 -8.46 6.01
N ASN A 376 12.07 -9.52 5.71
CA ASN A 376 12.83 -10.22 6.75
C ASN A 376 14.14 -9.53 7.09
N TYR A 377 14.65 -8.67 6.21
CA TYR A 377 15.94 -8.04 6.44
C TYR A 377 15.87 -6.91 7.44
N PHE A 378 14.68 -6.48 7.83
CA PHE A 378 14.52 -5.43 8.83
C PHE A 378 13.85 -5.93 10.11
N THR A 379 13.44 -7.19 10.16
CA THR A 379 12.78 -7.74 11.34
C THR A 379 13.47 -8.98 11.90
N GLU A 380 14.14 -9.77 11.06
CA GLU A 380 14.76 -11.01 11.54
C GLU A 380 16.23 -11.07 11.19
N THR A 381 16.59 -10.57 10.00
CA THR A 381 17.94 -10.69 9.48
C THR A 381 18.78 -9.51 9.93
N ALA A 382 20.03 -9.77 10.31
CA ALA A 382 20.93 -8.70 10.71
C ALA A 382 21.36 -7.87 9.51
N GLY A 383 21.73 -6.63 9.78
CA GLY A 383 22.16 -5.73 8.73
C GLY A 383 22.50 -4.38 9.31
N THR A 384 23.24 -3.60 8.52
CA THR A 384 23.71 -2.29 8.95
C THR A 384 23.73 -1.37 7.75
N SER A 385 23.35 -0.11 7.96
CA SER A 385 23.33 0.89 6.90
C SER A 385 23.94 2.19 7.41
N LEU A 386 24.59 2.92 6.50
CA LEU A 386 25.21 4.20 6.81
C LEU A 386 24.43 5.31 6.15
N LEU A 387 24.10 6.35 6.91
CA LEU A 387 23.29 7.47 6.43
C LEU A 387 24.12 8.75 6.61
N VAL A 388 24.50 9.38 5.50
CA VAL A 388 25.30 10.59 5.52
C VAL A 388 24.55 11.66 4.75
N THR A 389 24.34 12.81 5.39
CA THR A 389 23.77 13.98 4.75
C THR A 389 24.79 15.11 4.78
N GLN A 390 24.76 15.95 3.74
CA GLN A 390 25.75 17.00 3.60
C GLN A 390 25.11 18.21 2.95
N ASN A 391 25.43 19.39 3.47
CA ASN A 391 24.91 20.62 2.91
C ASN A 391 25.73 21.03 1.69
N GLY A 392 25.07 21.62 0.72
CA GLY A 392 25.72 22.06 -0.49
C GLY A 392 25.86 20.95 -1.51
N ARG A 393 26.16 21.37 -2.74
CA ARG A 393 26.32 20.38 -3.84
C ARG A 393 27.69 19.72 -3.70
N GLY A 394 27.88 18.63 -4.44
CA GLY A 394 29.11 17.87 -4.38
C GLY A 394 29.18 16.98 -3.16
N GLY A 395 30.35 16.38 -2.98
CA GLY A 395 30.57 15.51 -1.84
C GLY A 395 30.27 14.06 -2.16
N LEU A 396 29.98 13.26 -1.13
CA LEU A 396 29.68 11.85 -1.34
C LEU A 396 28.39 11.65 -2.12
N ARG A 397 27.38 12.48 -1.85
CA ARG A 397 26.08 12.29 -2.49
C ARG A 397 26.17 12.45 -4.00
N SER A 398 26.91 13.45 -4.47
CA SER A 398 27.05 13.64 -5.92
C SER A 398 27.79 12.50 -6.57
N GLN A 399 28.85 11.98 -5.92
CA GLN A 399 29.57 10.85 -6.48
C GLN A 399 28.69 9.62 -6.58
N LEU A 400 27.89 9.35 -5.54
CA LEU A 400 26.98 8.23 -5.58
C LEU A 400 25.88 8.43 -6.62
N GLU A 401 25.39 9.66 -6.76
CA GLU A 401 24.38 9.93 -7.79
C GLU A 401 24.92 9.68 -9.18
N ALA A 402 26.17 10.06 -9.44
CA ALA A 402 26.76 9.81 -10.75
C ALA A 402 26.91 8.33 -11.05
N ILE A 403 27.15 7.51 -10.02
CA ILE A 403 27.22 6.07 -10.22
C ILE A 403 25.87 5.53 -10.66
N PHE A 404 24.79 5.96 -9.99
CA PHE A 404 23.46 5.46 -10.33
C PHE A 404 23.09 5.84 -11.76
N LEU A 405 23.36 7.08 -12.17
CA LEU A 405 23.04 7.48 -13.54
C LEU A 405 23.87 6.73 -14.55
N ARG A 406 25.10 6.34 -14.19
CA ARG A 406 25.90 5.49 -15.07
C ARG A 406 25.25 4.13 -15.26
N ASP A 407 24.71 3.55 -14.20
CA ASP A 407 24.01 2.28 -14.30
C ASP A 407 22.66 2.43 -15.00
N TRP A 408 21.92 3.50 -14.71
CA TRP A 408 20.59 3.67 -15.30
C TRP A 408 20.67 3.80 -16.82
N ASP A 409 21.59 4.63 -17.32
CA ASP A 409 21.75 4.84 -18.75
C ASP A 409 22.86 3.93 -19.30
N SER A 410 22.68 2.63 -19.08
CA SER A 410 23.65 1.63 -19.46
C SER A 410 22.98 0.55 -20.29
N PRO A 411 23.71 -0.06 -21.22
CA PRO A 411 23.13 -1.17 -21.99
C PRO A 411 22.76 -2.37 -21.16
N TYR A 412 23.26 -2.47 -19.92
CA TYR A 412 22.96 -3.59 -19.05
C TYR A 412 21.71 -3.36 -18.21
N SER A 413 21.03 -2.23 -18.37
CA SER A 413 19.80 -1.95 -17.67
C SER A 413 18.65 -1.93 -18.66
N HIS A 414 17.61 -2.71 -18.39
CA HIS A 414 16.50 -2.90 -19.31
C HIS A 414 15.18 -2.65 -18.62
N ASP A 415 14.17 -2.39 -19.45
CA ASP A 415 12.82 -2.14 -18.91
C ASP A 415 12.17 -3.48 -18.54
N LEU A 416 11.02 -3.42 -17.89
CA LEU A 416 10.31 -4.61 -17.44
C LEU A 416 9.61 -5.34 -18.57
N ASP A 417 9.45 -4.72 -19.74
CA ASP A 417 8.79 -5.36 -20.87
C ASP A 417 9.77 -5.98 -21.85
N THR A 418 11.06 -5.97 -21.54
CA THR A 418 12.07 -6.52 -22.44
C THR A 418 11.94 -8.03 -22.51
N SER A 419 12.21 -8.59 -23.68
CA SER A 419 12.21 -10.03 -23.84
C SER A 419 13.38 -10.64 -23.07
N ALA A 420 13.17 -11.81 -22.46
CA ALA A 420 14.22 -12.38 -21.57
C ALA A 420 15.43 -12.88 -22.38
N ASP A 421 15.25 -13.13 -23.67
CA ASP A 421 16.38 -13.58 -24.53
C ASP A 421 17.34 -12.41 -24.77
N SER A 422 16.82 -11.19 -24.91
CA SER A 422 17.66 -9.99 -25.21
C SER A 422 18.80 -9.86 -24.19
N VAL A 423 18.50 -9.93 -22.90
CA VAL A 423 19.53 -9.77 -21.88
C VAL A 423 20.55 -10.90 -22.00
N GLY A 424 21.75 -10.65 -21.47
CA GLY A 424 22.82 -11.62 -21.58
C GLY A 424 22.70 -12.81 -20.65
N ASN A 425 22.12 -12.60 -19.48
CA ASN A 425 22.00 -13.63 -18.47
C ASN A 425 20.65 -14.33 -18.59
N ALA A 426 20.34 -15.20 -17.63
CA ALA A 426 19.06 -15.88 -17.58
C ALA A 426 18.19 -15.19 -16.53
N CYS A 427 17.44 -14.19 -16.97
CA CYS A 427 16.58 -13.43 -16.08
C CYS A 427 15.24 -14.12 -15.94
N ARG A 428 14.81 -14.33 -14.69
CA ARG A 428 13.54 -14.97 -14.41
C ARG A 428 12.40 -13.97 -14.29
N LEU A 429 12.68 -12.68 -14.32
CA LEU A 429 11.66 -11.65 -14.17
C LEU A 429 11.15 -11.11 -15.49
N LEU A 430 11.68 -11.65 -16.59
CA LEU A 430 11.32 -11.12 -17.92
C LEU A 430 10.53 -12.19 -18.67
N LEU A 431 9.46 -11.78 -19.36
CA LEU A 431 8.59 -12.76 -20.06
C LEU A 431 9.18 -13.13 -21.43
N GLU A 432 9.14 -14.41 -21.80
CA GLU A 432 9.60 -14.86 -23.14
C GLU A 432 11.10 -14.53 -23.31
N PRO B 14 -26.88 -8.27 23.72
CA PRO B 14 -28.06 -7.46 24.10
C PRO B 14 -29.36 -8.26 24.04
N ALA B 15 -30.42 -7.64 23.55
CA ALA B 15 -31.69 -8.34 23.40
C ALA B 15 -32.00 -8.58 21.93
N PRO B 16 -32.48 -9.77 21.57
CA PRO B 16 -32.75 -10.07 20.16
C PRO B 16 -34.03 -9.40 19.68
N CYS B 17 -34.14 -9.28 18.36
CA CYS B 17 -35.30 -8.70 17.72
C CYS B 17 -36.19 -9.81 17.17
N TYR B 18 -37.45 -9.81 17.58
CA TYR B 18 -38.40 -10.83 17.16
C TYR B 18 -39.27 -10.38 16.00
N ASP B 19 -39.00 -9.20 15.45
CA ASP B 19 -39.81 -8.71 14.34
C ASP B 19 -39.54 -9.56 13.09
N PRO B 20 -40.56 -9.87 12.31
CA PRO B 20 -40.35 -10.67 11.09
C PRO B 20 -39.69 -9.86 9.99
N CYS B 21 -38.43 -9.51 10.18
CA CYS B 21 -37.72 -8.67 9.23
C CYS B 21 -37.60 -9.38 7.89
N GLU B 22 -37.95 -8.69 6.82
CA GLU B 22 -37.85 -9.21 5.46
C GLU B 22 -37.09 -8.20 4.62
N ALA B 23 -36.06 -8.66 3.92
CA ALA B 23 -35.18 -7.79 3.16
C ALA B 23 -35.37 -8.03 1.67
N VAL B 24 -35.59 -6.95 0.93
CA VAL B 24 -35.80 -7.00 -0.51
C VAL B 24 -34.73 -6.13 -1.17
N LEU B 25 -34.10 -6.68 -2.20
CA LEU B 25 -33.09 -5.94 -2.96
C LEU B 25 -33.78 -5.21 -4.11
N VAL B 26 -33.70 -3.89 -4.09
CA VAL B 26 -34.32 -3.07 -5.12
C VAL B 26 -33.22 -2.37 -5.93
N GLU B 27 -33.40 -2.36 -7.23
CA GLU B 27 -32.44 -1.74 -8.12
C GLU B 27 -33.20 -1.11 -9.29
N SER B 28 -32.64 -0.03 -9.83
CA SER B 28 -33.25 0.68 -10.94
C SER B 28 -32.44 0.39 -12.21
N ILE B 29 -33.12 -0.09 -13.23
CA ILE B 29 -32.49 -0.44 -14.51
C ILE B 29 -32.76 0.69 -15.49
N PRO B 30 -31.73 1.32 -16.04
CA PRO B 30 -31.95 2.39 -17.03
C PRO B 30 -32.61 1.86 -18.28
N GLU B 31 -33.34 2.73 -18.96
CA GLU B 31 -33.95 2.38 -20.23
C GLU B 31 -32.86 2.03 -21.24
N GLY B 32 -33.02 0.91 -21.93
CA GLY B 32 -32.04 0.44 -22.88
C GLY B 32 -31.12 -0.63 -22.35
N LEU B 33 -31.08 -0.80 -21.02
CA LEU B 33 -30.24 -1.87 -20.41
C LEU B 33 -31.08 -3.14 -20.29
N ASP B 34 -30.71 -4.18 -21.03
CA ASP B 34 -31.45 -5.44 -21.02
C ASP B 34 -30.50 -6.58 -20.67
N PHE B 35 -30.91 -7.41 -19.72
CA PHE B 35 -30.14 -8.60 -19.34
C PHE B 35 -30.89 -9.83 -19.81
N PRO B 36 -30.34 -10.61 -20.74
CA PRO B 36 -31.06 -11.79 -21.24
C PRO B 36 -31.35 -12.83 -20.18
N ASN B 37 -30.51 -12.92 -19.14
CA ASN B 37 -30.72 -13.90 -18.07
C ASN B 37 -31.78 -13.35 -17.12
N ALA B 38 -33.03 -13.38 -17.58
CA ALA B 38 -34.16 -12.89 -16.80
C ALA B 38 -34.47 -13.91 -15.71
N SER B 39 -33.63 -13.91 -14.68
CA SER B 39 -33.78 -14.83 -13.56
C SER B 39 -33.77 -14.15 -12.20
N THR B 40 -33.21 -12.95 -12.07
CA THR B 40 -33.21 -12.27 -10.78
C THR B 40 -34.58 -11.70 -10.46
N GLY B 41 -35.06 -10.78 -11.29
CA GLY B 41 -36.38 -10.22 -11.10
C GLY B 41 -36.53 -9.43 -9.81
N ASN B 42 -35.86 -8.30 -9.71
CA ASN B 42 -36.04 -7.57 -8.47
C ASN B 42 -36.90 -6.34 -8.69
N PRO B 43 -37.64 -5.90 -7.66
CA PRO B 43 -38.48 -4.70 -7.82
C PRO B 43 -37.63 -3.46 -8.04
N SER B 44 -38.20 -2.52 -8.80
CA SER B 44 -37.53 -1.26 -9.08
C SER B 44 -37.61 -0.34 -7.87
N THR B 45 -36.74 0.66 -7.85
CA THR B 45 -36.75 1.64 -6.75
C THR B 45 -38.04 2.42 -6.72
N SER B 46 -38.57 2.80 -7.89
CA SER B 46 -39.83 3.54 -7.92
C SER B 46 -40.98 2.70 -7.36
N GLN B 47 -41.02 1.41 -7.70
CA GLN B 47 -42.08 0.56 -7.17
C GLN B 47 -41.98 0.43 -5.65
N ALA B 48 -40.77 0.25 -5.13
CA ALA B 48 -40.60 0.16 -3.69
C ALA B 48 -40.92 1.48 -3.00
N TRP B 49 -40.48 2.60 -3.57
CA TRP B 49 -40.76 3.89 -2.96
C TRP B 49 -42.24 4.20 -2.95
N LEU B 50 -42.93 3.92 -4.06
CA LEU B 50 -44.37 4.16 -4.12
C LEU B 50 -45.12 3.28 -3.12
N GLY B 51 -44.69 2.02 -2.97
CA GLY B 51 -45.29 1.18 -1.96
C GLY B 51 -45.02 1.67 -0.55
N LEU B 52 -43.81 2.16 -0.31
CA LEU B 52 -43.48 2.69 1.02
C LEU B 52 -44.32 3.91 1.34
N LEU B 53 -44.49 4.82 0.37
CA LEU B 53 -45.27 6.02 0.62
C LEU B 53 -46.75 5.71 0.82
N ALA B 54 -47.27 4.71 0.10
CA ALA B 54 -48.68 4.37 0.23
C ALA B 54 -49.02 3.88 1.62
N GLY B 55 -48.12 3.11 2.24
CA GLY B 55 -48.35 2.57 3.57
C GLY B 55 -47.90 3.44 4.71
N ALA B 56 -47.40 4.64 4.44
CA ALA B 56 -46.95 5.53 5.50
C ALA B 56 -48.13 6.18 6.19
N HIS B 57 -48.18 6.07 7.51
CA HIS B 57 -49.27 6.65 8.29
C HIS B 57 -48.82 7.36 9.57
N SER B 58 -47.58 7.16 10.02
CA SER B 58 -47.12 7.74 11.27
C SER B 58 -46.00 8.76 11.06
N SER B 59 -44.92 8.38 10.39
CA SER B 59 -43.78 9.27 10.21
C SER B 59 -43.01 8.86 8.98
N LEU B 60 -42.16 9.77 8.50
CA LEU B 60 -41.30 9.51 7.36
C LEU B 60 -40.07 10.40 7.49
N ASP B 61 -38.91 9.78 7.65
CA ASP B 61 -37.64 10.49 7.76
C ASP B 61 -36.80 10.19 6.53
N ILE B 62 -36.37 11.24 5.84
CA ILE B 62 -35.61 11.11 4.60
C ILE B 62 -34.30 11.87 4.75
N ALA B 63 -33.19 11.21 4.44
CA ALA B 63 -31.90 11.85 4.32
C ALA B 63 -31.48 11.80 2.87
N SER B 64 -31.21 12.97 2.29
CA SER B 64 -30.97 13.07 0.85
C SER B 64 -29.79 13.99 0.58
N PHE B 65 -29.22 13.82 -0.61
CA PHE B 65 -28.15 14.67 -1.10
C PHE B 65 -28.69 15.92 -1.79
N TYR B 66 -29.64 15.74 -2.70
CA TYR B 66 -30.25 16.86 -3.40
C TYR B 66 -31.60 16.39 -3.95
N TRP B 67 -32.42 17.35 -4.36
CA TRP B 67 -33.78 17.08 -4.81
C TRP B 67 -33.96 17.63 -6.21
N THR B 68 -34.08 16.75 -7.19
CA THR B 68 -34.29 17.10 -8.58
C THR B 68 -35.38 16.23 -9.17
N LEU B 69 -36.51 16.15 -8.46
CA LEU B 69 -37.53 15.14 -8.70
C LEU B 69 -38.44 15.48 -9.87
N THR B 70 -38.21 16.57 -10.59
CA THR B 70 -39.08 16.94 -11.69
C THR B 70 -38.27 17.61 -12.78
N ASN B 71 -38.90 17.76 -13.95
CA ASN B 71 -38.23 18.30 -15.14
C ASN B 71 -37.84 19.76 -14.98
N ASN B 72 -38.46 20.49 -14.05
CA ASN B 72 -38.18 21.92 -13.93
C ASN B 72 -36.75 22.17 -13.47
N ASP B 73 -36.31 21.45 -12.44
CA ASP B 73 -34.95 21.65 -11.95
C ASP B 73 -33.91 21.20 -12.97
N THR B 74 -34.19 20.10 -13.68
CA THR B 74 -33.27 19.65 -14.72
C THR B 74 -33.34 20.53 -15.95
N HIS B 75 -34.41 21.31 -16.11
CA HIS B 75 -34.62 22.15 -17.30
C HIS B 75 -34.61 21.30 -18.57
N THR B 76 -35.32 20.19 -18.53
CA THR B 76 -35.43 19.27 -19.65
C THR B 76 -36.90 19.00 -19.93
N GLN B 77 -37.16 18.28 -21.02
CA GLN B 77 -38.52 17.91 -21.41
C GLN B 77 -38.62 16.43 -21.71
N GLU B 78 -37.77 15.61 -21.08
CA GLU B 78 -37.80 14.19 -21.31
C GLU B 78 -39.04 13.57 -20.68
N PRO B 79 -39.71 12.64 -21.35
CA PRO B 79 -40.87 11.96 -20.77
C PRO B 79 -40.54 10.84 -19.79
N SER B 80 -39.28 10.72 -19.39
CA SER B 80 -38.86 9.71 -18.42
C SER B 80 -38.92 10.22 -16.99
N ALA B 81 -39.38 11.45 -16.78
CA ALA B 81 -39.46 12.04 -15.45
C ALA B 81 -40.81 11.82 -14.79
N GLN B 82 -41.73 11.09 -15.44
CA GLN B 82 -43.03 10.85 -14.85
C GLN B 82 -42.93 10.06 -13.55
N GLN B 83 -42.06 9.06 -13.51
CA GLN B 83 -41.88 8.30 -12.27
C GLN B 83 -41.33 9.20 -11.16
N GLY B 84 -40.39 10.09 -11.50
CA GLY B 84 -39.89 11.02 -10.50
C GLY B 84 -40.95 12.00 -10.04
N GLU B 85 -41.77 12.48 -10.98
CA GLU B 85 -42.84 13.40 -10.62
C GLU B 85 -43.92 12.71 -9.80
N GLU B 86 -44.18 11.43 -10.07
CA GLU B 86 -45.17 10.70 -9.30
C GLU B 86 -44.77 10.57 -7.84
N VAL B 87 -43.48 10.33 -7.57
CA VAL B 87 -43.02 10.26 -6.19
C VAL B 87 -43.21 11.60 -5.50
N LEU B 88 -42.89 12.70 -6.17
CA LEU B 88 -43.10 14.02 -5.59
C LEU B 88 -44.58 14.29 -5.33
N ARG B 89 -45.45 13.87 -6.25
CA ARG B 89 -46.88 14.07 -6.06
C ARG B 89 -47.38 13.34 -4.82
N GLN B 90 -46.91 12.11 -4.61
CA GLN B 90 -47.30 11.36 -3.42
C GLN B 90 -46.70 11.95 -2.16
N LEU B 91 -45.49 12.50 -2.23
CA LEU B 91 -44.85 13.08 -1.06
C LEU B 91 -45.59 14.32 -0.56
N GLN B 92 -46.30 15.02 -1.44
CA GLN B 92 -47.05 16.20 -1.04
C GLN B 92 -48.37 15.87 -0.35
N THR B 93 -48.77 14.60 -0.33
CA THR B 93 -50.03 14.20 0.28
C THR B 93 -49.86 13.62 1.67
N LEU B 94 -48.63 13.32 2.10
CA LEU B 94 -48.43 12.72 3.41
C LEU B 94 -48.72 13.71 4.53
N ALA B 95 -48.20 14.92 4.42
CA ALA B 95 -48.38 15.95 5.44
C ALA B 95 -49.84 16.25 5.71
N PRO B 96 -50.70 16.38 4.68
CA PRO B 96 -52.14 16.55 4.96
C PRO B 96 -52.75 15.42 5.77
N LYS B 97 -52.27 14.19 5.60
CA LYS B 97 -52.84 13.06 6.32
C LYS B 97 -52.32 12.95 7.75
N GLY B 98 -51.37 13.79 8.15
CA GLY B 98 -50.84 13.76 9.49
C GLY B 98 -49.49 13.09 9.65
N VAL B 99 -48.87 12.66 8.55
CA VAL B 99 -47.56 12.02 8.64
C VAL B 99 -46.52 13.10 8.89
N ASN B 100 -45.68 12.88 9.91
CA ASN B 100 -44.61 13.82 10.24
C ASN B 100 -43.45 13.57 9.28
N VAL B 101 -43.32 14.42 8.27
CA VAL B 101 -42.27 14.29 7.27
C VAL B 101 -41.11 15.18 7.70
N ARG B 102 -39.94 14.59 7.87
CA ARG B 102 -38.73 15.31 8.22
C ARG B 102 -37.65 14.96 7.21
N ILE B 103 -37.08 15.99 6.57
CA ILE B 103 -36.13 15.81 5.48
C ILE B 103 -34.84 16.54 5.85
N ALA B 104 -33.72 15.84 5.74
CA ALA B 104 -32.40 16.44 5.90
C ALA B 104 -31.72 16.42 4.54
N VAL B 105 -31.33 17.60 4.06
CA VAL B 105 -30.74 17.75 2.74
C VAL B 105 -29.47 18.58 2.86
N SER B 106 -28.41 18.14 2.19
CA SER B 106 -27.16 18.89 2.19
C SER B 106 -27.38 20.26 1.56
N LYS B 107 -26.83 21.28 2.21
CA LYS B 107 -27.02 22.64 1.73
C LYS B 107 -26.24 22.84 0.42
N PRO B 108 -26.89 23.31 -0.64
CA PRO B 108 -26.18 23.49 -1.91
C PRO B 108 -25.09 24.53 -1.81
N SER B 109 -24.01 24.31 -2.56
CA SER B 109 -22.89 25.25 -2.55
C SER B 109 -23.29 26.57 -3.18
N GLY B 110 -23.97 26.54 -4.33
CA GLY B 110 -24.39 27.73 -5.00
C GLY B 110 -25.79 28.16 -4.61
N PRO B 111 -26.32 29.20 -5.25
CA PRO B 111 -27.68 29.67 -4.99
C PRO B 111 -28.72 28.96 -5.86
N GLN B 112 -28.69 27.63 -5.84
CA GLN B 112 -29.64 26.87 -6.65
C GLN B 112 -31.00 26.87 -5.98
N PRO B 113 -32.05 27.28 -6.68
CA PRO B 113 -33.40 27.24 -6.07
C PRO B 113 -33.85 25.80 -5.85
N GLN B 114 -34.65 25.62 -4.81
CA GLN B 114 -35.18 24.31 -4.44
C GLN B 114 -36.68 24.32 -4.72
N ALA B 115 -37.04 23.99 -5.96
CA ALA B 115 -38.45 23.93 -6.33
C ALA B 115 -39.15 22.76 -5.64
N ASP B 116 -38.48 21.62 -5.52
CA ASP B 116 -39.10 20.46 -4.90
C ASP B 116 -39.24 20.65 -3.39
N LEU B 117 -38.18 21.13 -2.73
CA LEU B 117 -38.23 21.28 -1.29
C LEU B 117 -39.23 22.33 -0.85
N GLN B 118 -39.36 23.43 -1.61
CA GLN B 118 -40.38 24.42 -1.28
C GLN B 118 -41.78 23.86 -1.49
N ALA B 119 -41.96 22.96 -2.46
CA ALA B 119 -43.26 22.34 -2.66
C ALA B 119 -43.68 21.52 -1.45
N LEU B 120 -42.74 20.78 -0.86
CA LEU B 120 -43.03 20.02 0.35
C LEU B 120 -43.15 20.91 1.57
N LEU B 121 -42.46 22.06 1.59
CA LEU B 121 -42.50 22.93 2.75
C LEU B 121 -43.89 23.51 2.96
N GLN B 122 -44.56 23.92 1.88
CA GLN B 122 -45.91 24.45 2.00
C GLN B 122 -46.94 23.37 2.25
N SER B 123 -46.62 22.11 1.96
CA SER B 123 -47.54 21.01 2.24
C SER B 123 -47.65 20.71 3.73
N GLY B 124 -46.57 20.94 4.48
CA GLY B 124 -46.55 20.67 5.92
C GLY B 124 -45.31 19.93 6.39
N ALA B 125 -44.40 19.55 5.50
CA ALA B 125 -43.19 18.85 5.91
C ALA B 125 -42.21 19.83 6.55
N GLN B 126 -41.19 19.26 7.19
CA GLN B 126 -40.10 20.05 7.78
C GLN B 126 -38.82 19.72 7.04
N VAL B 127 -38.18 20.74 6.50
CA VAL B 127 -36.94 20.60 5.74
C VAL B 127 -35.84 21.37 6.44
N ARG B 128 -34.71 20.70 6.68
CA ARG B 128 -33.56 21.32 7.31
C ARG B 128 -32.33 21.07 6.46
N MET B 129 -31.59 22.14 6.19
CA MET B 129 -30.34 22.06 5.43
C MET B 129 -29.18 21.95 6.40
N VAL B 130 -28.29 21.00 6.14
CA VAL B 130 -27.17 20.70 7.03
C VAL B 130 -25.89 21.19 6.36
N ASP B 131 -25.15 22.06 7.05
CA ASP B 131 -23.92 22.62 6.52
C ASP B 131 -22.75 21.69 6.87
N MET B 132 -22.62 20.63 6.08
CA MET B 132 -21.47 19.74 6.24
C MET B 132 -20.16 20.39 5.84
N GLN B 133 -20.17 21.35 4.92
CA GLN B 133 -18.94 22.01 4.48
C GLN B 133 -18.28 22.80 5.60
N LYS B 134 -19.00 23.10 6.67
CA LYS B 134 -18.45 23.80 7.82
C LYS B 134 -18.19 22.88 8.99
N LEU B 135 -19.12 21.97 9.28
CA LEU B 135 -18.98 21.10 10.45
C LEU B 135 -17.85 20.10 10.26
N THR B 136 -17.81 19.42 9.11
CA THR B 136 -16.79 18.41 8.84
C THR B 136 -16.09 18.66 7.51
N HIS B 137 -16.35 19.79 6.86
CA HIS B 137 -15.74 20.14 5.59
C HIS B 137 -16.02 19.08 4.53
N GLY B 138 -17.26 18.63 4.48
CA GLY B 138 -17.70 17.63 3.52
C GLY B 138 -19.10 17.92 3.06
N VAL B 139 -19.81 16.86 2.64
CA VAL B 139 -21.19 16.96 2.20
C VAL B 139 -21.98 15.83 2.85
N LEU B 140 -23.30 15.89 2.68
CA LEU B 140 -24.21 14.88 3.21
C LEU B 140 -24.58 13.93 2.07
N HIS B 141 -23.75 12.92 1.86
CA HIS B 141 -23.94 11.97 0.77
C HIS B 141 -24.86 10.82 1.15
N THR B 142 -25.29 10.74 2.41
CA THR B 142 -26.12 9.64 2.86
C THR B 142 -27.48 9.67 2.17
N LYS B 143 -28.09 8.51 1.98
CA LYS B 143 -29.37 8.38 1.31
C LYS B 143 -30.13 7.22 1.95
N PHE B 144 -31.16 7.55 2.74
CA PHE B 144 -31.99 6.50 3.32
C PHE B 144 -33.34 7.06 3.70
N TRP B 145 -34.29 6.14 3.90
CA TRP B 145 -35.65 6.45 4.32
C TRP B 145 -35.95 5.71 5.60
N VAL B 146 -36.90 6.22 6.38
CA VAL B 146 -37.41 5.55 7.57
C VAL B 146 -38.91 5.78 7.60
N VAL B 147 -39.69 4.74 7.33
CA VAL B 147 -41.14 4.83 7.22
C VAL B 147 -41.75 4.22 8.48
N ASP B 148 -42.45 5.03 9.26
CA ASP B 148 -43.17 4.60 10.46
C ASP B 148 -42.25 3.91 11.46
N GLN B 149 -40.94 4.11 11.34
CA GLN B 149 -39.95 3.43 12.17
C GLN B 149 -40.11 1.91 12.10
N THR B 150 -40.64 1.44 11.00
CA THR B 150 -40.83 0.00 10.79
C THR B 150 -40.14 -0.52 9.55
N HIS B 151 -40.22 0.26 8.46
CA HIS B 151 -39.56 -0.12 7.19
C HIS B 151 -38.58 0.98 6.79
N PHE B 152 -37.36 0.60 6.40
CA PHE B 152 -36.38 1.59 5.97
C PHE B 152 -35.77 1.15 4.64
N TYR B 153 -35.45 2.13 3.80
CA TYR B 153 -34.75 1.90 2.56
C TYR B 153 -33.35 2.49 2.67
N LEU B 154 -32.34 1.68 2.35
CA LEU B 154 -30.96 2.14 2.32
C LEU B 154 -30.37 1.79 0.95
N GLY B 155 -29.83 2.79 0.27
CA GLY B 155 -29.31 2.57 -1.05
C GLY B 155 -28.62 3.80 -1.56
N SER B 156 -28.27 3.77 -2.84
CA SER B 156 -27.54 4.86 -3.48
C SER B 156 -28.46 5.83 -4.22
N ALA B 157 -29.77 5.61 -4.20
CA ALA B 157 -30.66 6.40 -5.02
C ALA B 157 -30.88 7.78 -4.43
N ASN B 158 -30.60 8.81 -5.22
CA ASN B 158 -30.88 10.19 -4.83
C ASN B 158 -32.35 10.49 -5.12
N MET B 159 -32.78 11.71 -4.81
CA MET B 159 -34.15 12.13 -5.09
C MET B 159 -34.21 12.73 -6.50
N ASP B 160 -33.79 11.92 -7.47
CA ASP B 160 -33.75 12.31 -8.87
C ASP B 160 -34.84 11.59 -9.63
N TRP B 161 -35.33 12.24 -10.68
CA TRP B 161 -36.09 11.51 -11.68
C TRP B 161 -35.18 10.68 -12.58
N ARG B 162 -33.90 11.04 -12.65
CA ARG B 162 -32.91 10.26 -13.38
C ARG B 162 -32.43 9.06 -12.59
N SER B 163 -32.59 9.06 -11.26
CA SER B 163 -32.19 7.92 -10.44
C SER B 163 -33.20 6.77 -10.51
N LEU B 164 -34.34 6.98 -11.15
CA LEU B 164 -35.35 5.95 -11.25
C LEU B 164 -35.48 5.35 -12.64
N THR B 165 -35.02 6.06 -13.68
CA THR B 165 -35.16 5.58 -15.05
C THR B 165 -33.92 5.73 -15.90
N GLN B 166 -32.92 6.50 -15.49
CA GLN B 166 -31.78 6.79 -16.35
C GLN B 166 -30.47 6.20 -15.84
N VAL B 167 -30.26 6.13 -14.53
CA VAL B 167 -29.03 5.55 -13.99
C VAL B 167 -29.35 4.20 -13.40
N LYS B 168 -28.31 3.40 -13.20
CA LYS B 168 -28.44 2.07 -12.62
C LYS B 168 -27.97 2.13 -11.16
N GLU B 169 -28.80 1.62 -10.26
CA GLU B 169 -28.55 1.76 -8.84
C GLU B 169 -28.79 0.42 -8.15
N LEU B 170 -28.71 0.43 -6.82
CA LEU B 170 -29.03 -0.74 -6.03
C LEU B 170 -29.23 -0.32 -4.59
N GLY B 171 -30.35 -0.74 -4.00
CA GLY B 171 -30.62 -0.49 -2.60
C GLY B 171 -31.36 -1.67 -1.98
N VAL B 172 -31.55 -1.60 -0.68
CA VAL B 172 -32.25 -2.65 0.07
C VAL B 172 -33.38 -2.03 0.86
N VAL B 173 -34.57 -2.59 0.73
CA VAL B 173 -35.73 -2.20 1.52
C VAL B 173 -35.98 -3.30 2.53
N MET B 174 -35.88 -2.96 3.81
CA MET B 174 -36.03 -3.91 4.89
C MET B 174 -37.39 -3.69 5.54
N TYR B 175 -38.32 -4.61 5.29
CA TYR B 175 -39.68 -4.47 5.76
C TYR B 175 -39.86 -5.06 7.15
N ASN B 176 -40.75 -4.45 7.93
CA ASN B 176 -41.22 -4.99 9.20
C ASN B 176 -40.08 -5.20 10.19
N CYS B 177 -39.01 -4.42 10.10
CA CYS B 177 -37.88 -4.52 11.01
C CYS B 177 -37.88 -3.29 11.89
N SER B 178 -38.64 -3.34 12.98
CA SER B 178 -38.76 -2.19 13.87
C SER B 178 -37.46 -1.92 14.61
N CYS B 179 -36.78 -2.97 15.08
CA CYS B 179 -35.55 -2.78 15.84
C CYS B 179 -34.45 -2.18 14.98
N LEU B 180 -34.32 -2.63 13.73
CA LEU B 180 -33.27 -2.12 12.86
C LEU B 180 -33.57 -0.72 12.34
N ALA B 181 -34.84 -0.43 12.00
CA ALA B 181 -35.19 0.91 11.56
C ALA B 181 -34.98 1.94 12.65
N ARG B 182 -35.28 1.57 13.90
CA ARG B 182 -35.09 2.50 15.00
C ARG B 182 -33.62 2.84 15.18
N ASP B 183 -32.73 1.89 14.89
CA ASP B 183 -31.30 2.21 14.91
C ASP B 183 -30.94 3.21 13.83
N LEU B 184 -31.53 3.09 12.64
CA LEU B 184 -31.27 4.07 11.59
C LEU B 184 -31.81 5.44 11.93
N THR B 185 -32.87 5.52 12.75
CA THR B 185 -33.41 6.82 13.13
C THR B 185 -32.41 7.63 13.92
N LYS B 186 -31.65 6.97 14.82
CA LYS B 186 -30.65 7.68 15.61
C LYS B 186 -29.59 8.34 14.73
N ILE B 187 -29.24 7.70 13.60
CA ILE B 187 -28.34 8.36 12.66
C ILE B 187 -29.02 9.59 12.06
N PHE B 188 -30.29 9.48 11.69
CA PHE B 188 -31.01 10.63 11.18
C PHE B 188 -31.17 11.71 12.24
N GLU B 189 -31.29 11.32 13.51
CA GLU B 189 -31.39 12.30 14.57
C GLU B 189 -30.13 13.17 14.66
N ALA B 190 -28.97 12.60 14.33
CA ALA B 190 -27.74 13.39 14.32
C ALA B 190 -27.80 14.47 13.24
N TYR B 191 -28.24 14.12 12.02
CA TYR B 191 -28.36 15.12 10.98
C TYR B 191 -29.43 16.14 11.31
N TRP B 192 -30.54 15.71 11.91
CA TRP B 192 -31.58 16.66 12.32
C TRP B 192 -31.06 17.65 13.34
N PHE B 193 -30.26 17.18 14.31
CA PHE B 193 -29.68 18.07 15.30
C PHE B 193 -28.72 19.06 14.64
N LEU B 194 -27.88 18.57 13.72
CA LEU B 194 -26.93 19.44 13.04
C LEU B 194 -27.60 20.37 12.03
N GLY B 195 -28.80 20.02 11.56
CA GLY B 195 -29.48 20.89 10.61
C GLY B 195 -29.92 22.19 11.23
N GLN B 196 -30.06 22.22 12.55
CA GLN B 196 -30.39 23.44 13.26
C GLN B 196 -29.32 24.50 13.02
N ALA B 197 -29.76 25.71 12.71
CA ALA B 197 -28.83 26.80 12.47
C ALA B 197 -28.07 27.13 13.75
N GLY B 198 -26.75 27.26 13.63
CA GLY B 198 -25.91 27.57 14.77
C GLY B 198 -25.57 26.39 15.66
N SER B 199 -25.92 25.17 15.26
CA SER B 199 -25.62 23.98 16.06
C SER B 199 -24.30 23.38 15.59
N SER B 200 -23.39 23.17 16.54
CA SER B 200 -22.08 22.59 16.25
C SER B 200 -22.00 21.16 16.76
N ILE B 201 -20.98 20.45 16.29
CA ILE B 201 -20.82 19.04 16.69
C ILE B 201 -20.37 18.99 18.15
N PRO B 202 -21.11 18.33 19.03
CA PRO B 202 -20.67 18.20 20.42
C PRO B 202 -19.42 17.32 20.52
N SER B 203 -18.65 17.56 21.57
CA SER B 203 -17.46 16.75 21.82
C SER B 203 -17.84 15.29 22.05
N THR B 204 -18.89 15.04 22.83
CA THR B 204 -19.42 13.71 23.03
C THR B 204 -20.93 13.76 22.83
N TRP B 205 -21.45 12.85 22.01
CA TRP B 205 -22.89 12.82 21.77
C TRP B 205 -23.62 12.33 23.02
N PRO B 206 -24.82 12.83 23.27
CA PRO B 206 -25.62 12.34 24.39
C PRO B 206 -26.05 10.90 24.17
N ARG B 207 -26.66 10.32 25.21
CA ARG B 207 -27.07 8.89 25.12
C ARG B 207 -28.15 8.73 24.05
N PHE B 208 -28.92 9.78 23.77
CA PHE B 208 -30.02 9.64 22.82
C PHE B 208 -29.53 9.12 21.47
N TYR B 209 -28.38 9.59 21.02
CA TYR B 209 -27.83 9.16 19.74
C TYR B 209 -26.93 7.93 19.87
N ASP B 210 -26.72 7.42 21.07
CA ASP B 210 -25.85 6.26 21.25
C ASP B 210 -26.58 4.99 20.86
N THR B 211 -25.82 4.01 20.38
CA THR B 211 -26.36 2.72 19.99
C THR B 211 -25.56 1.60 20.63
N ARG B 212 -26.19 0.45 20.76
CA ARG B 212 -25.57 -0.71 21.38
C ARG B 212 -25.34 -1.86 20.42
N TYR B 213 -25.62 -1.68 19.14
CA TYR B 213 -25.46 -2.72 18.12
C TYR B 213 -24.31 -2.30 17.20
N ASN B 214 -23.10 -2.61 17.61
CA ASN B 214 -21.90 -2.29 16.85
C ASN B 214 -21.37 -3.55 16.17
N GLN B 215 -20.18 -3.44 15.58
CA GLN B 215 -19.55 -4.58 14.93
C GLN B 215 -19.25 -5.69 15.94
N GLU B 216 -18.79 -5.32 17.13
CA GLU B 216 -18.46 -6.32 18.14
C GLU B 216 -19.69 -7.09 18.59
N THR B 217 -20.82 -6.41 18.76
CA THR B 217 -22.06 -7.04 19.21
C THR B 217 -23.21 -6.63 18.29
N PRO B 218 -23.26 -7.21 17.09
CA PRO B 218 -24.38 -6.92 16.19
C PRO B 218 -25.67 -7.52 16.73
N MET B 219 -26.78 -6.94 16.27
CA MET B 219 -28.10 -7.39 16.76
C MET B 219 -28.52 -8.65 16.01
N GLU B 220 -29.38 -9.45 16.65
CA GLU B 220 -29.88 -10.67 16.04
C GLU B 220 -31.30 -10.45 15.54
N ILE B 221 -31.51 -10.70 14.24
CA ILE B 221 -32.83 -10.53 13.63
C ILE B 221 -33.24 -11.85 13.00
N CYS B 222 -34.42 -11.86 12.38
CA CYS B 222 -34.93 -13.04 11.69
C CYS B 222 -35.19 -12.64 10.24
N LEU B 223 -34.16 -12.74 9.42
CA LEU B 223 -34.25 -12.38 8.01
C LEU B 223 -34.95 -13.52 7.25
N ASN B 224 -36.21 -13.31 6.91
CA ASN B 224 -37.03 -14.32 6.24
C ASN B 224 -37.04 -15.62 7.02
N GLY B 225 -37.09 -15.52 8.34
CA GLY B 225 -37.08 -16.68 9.22
C GLY B 225 -35.70 -17.10 9.70
N THR B 226 -34.73 -17.13 8.80
CA THR B 226 -33.38 -17.54 9.17
C THR B 226 -32.72 -16.46 10.03
N PRO B 227 -32.16 -16.82 11.19
CA PRO B 227 -31.51 -15.81 12.03
C PRO B 227 -30.28 -15.22 11.34
N ALA B 228 -30.02 -13.96 11.66
CA ALA B 228 -28.91 -13.24 11.04
C ALA B 228 -28.42 -12.15 11.99
N LEU B 229 -27.21 -11.66 11.71
CA LEU B 229 -26.61 -10.60 12.50
C LEU B 229 -26.46 -9.36 11.62
N ALA B 230 -26.92 -8.22 12.12
CA ALA B 230 -26.89 -6.99 11.35
C ALA B 230 -26.54 -5.81 12.24
N TYR B 231 -25.84 -4.82 11.67
CA TYR B 231 -25.48 -3.59 12.42
C TYR B 231 -25.24 -2.48 11.40
N LEU B 232 -25.48 -1.23 11.80
CA LEU B 232 -25.32 -0.09 10.86
C LEU B 232 -24.02 0.65 11.16
N ALA B 233 -23.28 1.05 10.11
CA ALA B 233 -22.01 1.79 10.29
C ALA B 233 -22.13 3.16 9.63
N SER B 234 -21.72 4.23 10.32
CA SER B 234 -21.93 5.59 9.75
C SER B 234 -20.61 6.37 9.61
N ALA B 235 -20.69 7.57 9.03
CA ALA B 235 -19.49 8.44 8.86
C ALA B 235 -19.98 9.89 8.77
N PRO B 236 -19.13 10.92 8.98
CA PRO B 236 -17.74 10.72 9.39
C PRO B 236 -17.62 10.55 10.90
N PRO B 237 -16.44 10.14 11.41
CA PRO B 237 -16.26 9.91 12.84
C PRO B 237 -16.79 11.03 13.76
N PRO B 238 -16.53 12.32 13.50
CA PRO B 238 -17.10 13.38 14.34
C PRO B 238 -18.54 13.10 14.72
N LEU B 239 -19.30 12.49 13.81
CA LEU B 239 -20.71 12.24 14.07
C LEU B 239 -20.98 10.88 14.70
N CYS B 240 -20.03 9.96 14.63
CA CYS B 240 -20.24 8.63 15.20
C CYS B 240 -20.13 8.70 16.72
N PRO B 241 -21.15 8.27 17.46
CA PRO B 241 -21.02 8.18 18.92
C PRO B 241 -20.11 7.03 19.34
N SER B 242 -19.99 6.81 20.64
CA SER B 242 -19.11 5.76 21.14
C SER B 242 -19.53 4.38 20.67
N GLY B 243 -20.82 4.07 20.68
CA GLY B 243 -21.30 2.75 20.31
C GLY B 243 -21.47 2.48 18.84
N ARG B 244 -21.23 3.47 17.99
CA ARG B 244 -21.42 3.31 16.55
C ARG B 244 -20.11 2.90 15.89
N THR B 245 -20.16 1.86 15.09
CA THR B 245 -18.97 1.40 14.38
C THR B 245 -18.68 2.34 13.21
N PRO B 246 -17.46 2.85 13.08
CA PRO B 246 -17.13 3.68 11.92
C PRO B 246 -17.25 2.89 10.63
N ASP B 247 -17.60 3.60 9.56
CA ASP B 247 -17.84 2.95 8.27
C ASP B 247 -16.58 2.29 7.74
N LEU B 248 -15.42 2.93 7.87
CA LEU B 248 -14.18 2.35 7.40
C LEU B 248 -13.84 1.08 8.16
N LYS B 249 -14.04 1.08 9.48
CA LYS B 249 -13.75 -0.11 10.28
C LYS B 249 -14.64 -1.27 9.87
N ALA B 250 -15.93 -1.00 9.65
CA ALA B 250 -16.84 -2.04 9.20
C ALA B 250 -16.47 -2.54 7.80
N LEU B 251 -16.09 -1.63 6.91
CA LEU B 251 -15.70 -2.03 5.56
C LEU B 251 -14.46 -2.92 5.59
N LEU B 252 -13.46 -2.55 6.39
CA LEU B 252 -12.22 -3.32 6.44
C LEU B 252 -12.41 -4.67 7.13
N ASN B 253 -13.36 -4.76 8.07
CA ASN B 253 -13.61 -6.03 8.73
C ASN B 253 -14.13 -7.09 7.77
N VAL B 254 -14.97 -6.69 6.81
CA VAL B 254 -15.46 -7.63 5.81
C VAL B 254 -14.32 -8.13 4.94
N VAL B 255 -13.42 -7.24 4.54
CA VAL B 255 -12.28 -7.64 3.72
C VAL B 255 -11.35 -8.54 4.50
N ASP B 256 -11.17 -8.27 5.79
CA ASP B 256 -10.24 -9.06 6.59
C ASP B 256 -10.76 -10.45 6.88
N ASN B 257 -12.08 -10.62 7.00
CA ASN B 257 -12.67 -11.90 7.35
C ASN B 257 -13.00 -12.76 6.15
N ALA B 258 -12.81 -12.25 4.93
CA ALA B 258 -13.12 -13.03 3.74
C ALA B 258 -12.06 -14.11 3.52
N ARG B 259 -12.52 -15.30 3.13
CA ARG B 259 -11.64 -16.43 2.90
C ARG B 259 -11.74 -17.04 1.51
N SER B 260 -12.82 -16.79 0.78
CA SER B 260 -13.03 -17.39 -0.52
C SER B 260 -13.00 -16.36 -1.64
N PHE B 261 -13.83 -15.33 -1.57
CA PHE B 261 -13.86 -14.31 -2.62
C PHE B 261 -14.35 -12.99 -2.05
N ILE B 262 -14.04 -11.92 -2.77
CA ILE B 262 -14.54 -10.58 -2.47
C ILE B 262 -15.06 -9.97 -3.76
N TYR B 263 -16.34 -9.61 -3.78
CA TYR B 263 -16.95 -8.98 -4.93
C TYR B 263 -17.28 -7.54 -4.56
N VAL B 264 -16.72 -6.58 -5.32
CA VAL B 264 -16.89 -5.16 -5.05
C VAL B 264 -17.43 -4.50 -6.31
N ALA B 265 -18.53 -3.77 -6.16
CA ALA B 265 -19.10 -2.96 -7.24
C ALA B 265 -19.34 -1.56 -6.70
N VAL B 266 -18.43 -0.64 -7.03
CA VAL B 266 -18.49 0.73 -6.52
C VAL B 266 -18.28 1.69 -7.69
N MET B 267 -18.92 2.85 -7.64
CA MET B 267 -18.81 3.77 -8.79
C MET B 267 -17.38 4.29 -8.90
N ASN B 268 -16.80 4.78 -7.81
CA ASN B 268 -15.44 5.39 -7.85
C ASN B 268 -14.54 4.74 -6.79
N TYR B 269 -13.30 4.44 -7.15
CA TYR B 269 -12.34 3.86 -6.17
C TYR B 269 -11.02 4.62 -6.26
N LEU B 270 -10.77 5.51 -5.31
CA LEU B 270 -9.49 6.27 -5.30
C LEU B 270 -8.83 6.11 -3.92
N PRO B 271 -7.59 5.57 -3.84
CA PRO B 271 -6.90 5.46 -2.57
C PRO B 271 -6.26 6.80 -2.22
N THR B 272 -7.01 7.89 -2.35
CA THR B 272 -6.46 9.24 -2.11
C THR B 272 -7.53 10.10 -1.49
N LEU B 273 -7.15 11.04 -0.62
CA LEU B 273 -8.15 12.00 -0.09
C LEU B 273 -8.42 13.03 -1.20
N GLU B 274 -9.47 12.82 -1.99
CA GLU B 274 -9.75 13.70 -3.15
C GLU B 274 -10.08 15.14 -2.67
N PHE B 275 -9.89 16.12 -3.55
CA PHE B 275 -10.20 17.55 -3.22
C PHE B 275 -9.12 18.11 -2.30
N SER B 276 -8.89 17.44 -1.17
CA SER B 276 -7.86 17.90 -0.20
C SER B 276 -6.52 18.02 -0.94
N HIS B 277 -5.91 19.22 -0.92
CA HIS B 277 -4.60 19.43 -1.59
C HIS B 277 -3.61 20.03 -0.60
N PRO B 278 -2.38 19.47 -0.47
CA PRO B 278 -1.78 18.70 -1.54
C PRO B 278 -2.28 17.26 -1.59
N HIS B 279 -2.25 16.64 -2.77
CA HIS B 279 -2.73 15.24 -2.93
C HIS B 279 -2.29 14.40 -1.73
N ARG B 280 -3.24 13.90 -0.94
CA ARG B 280 -2.92 13.06 0.23
C ARG B 280 -3.12 11.60 -0.21
N PHE B 281 -2.17 10.73 0.11
CA PHE B 281 -2.30 9.28 -0.22
C PHE B 281 -3.16 8.67 0.85
N TRP B 282 -3.93 7.66 0.47
CA TRP B 282 -4.87 7.04 1.41
C TRP B 282 -4.95 5.55 1.11
N PRO B 283 -3.94 4.79 1.51
CA PRO B 283 -3.91 3.35 1.21
C PRO B 283 -4.57 2.52 2.31
N ALA B 284 -5.82 2.86 2.66
CA ALA B 284 -6.55 2.14 3.68
C ALA B 284 -7.24 0.92 3.10
N ILE B 285 -8.11 1.13 2.11
CA ILE B 285 -8.78 0.01 1.46
C ILE B 285 -7.86 -0.68 0.46
N ASP B 286 -6.90 0.06 -0.10
CA ASP B 286 -5.96 -0.54 -1.05
C ASP B 286 -5.13 -1.63 -0.40
N ASP B 287 -4.66 -1.39 0.82
CA ASP B 287 -3.86 -2.39 1.52
C ASP B 287 -4.69 -3.59 1.95
N GLY B 288 -5.97 -3.40 2.29
CA GLY B 288 -6.81 -4.52 2.67
C GLY B 288 -7.02 -5.51 1.54
N LEU B 289 -7.23 -5.01 0.33
CA LEU B 289 -7.40 -5.89 -0.82
C LEU B 289 -6.11 -6.62 -1.18
N ARG B 290 -4.97 -5.93 -1.11
CA ARG B 290 -3.70 -6.59 -1.41
C ARG B 290 -3.36 -7.66 -0.39
N ARG B 291 -3.65 -7.40 0.89
CA ARG B 291 -3.43 -8.42 1.91
C ARG B 291 -4.31 -9.64 1.67
N ALA B 292 -5.57 -9.42 1.26
CA ALA B 292 -6.50 -10.54 1.10
C ALA B 292 -6.04 -11.49 0.00
N THR B 293 -5.58 -10.97 -1.13
CA THR B 293 -5.22 -11.83 -2.24
C THR B 293 -3.85 -12.48 -2.05
N TYR B 294 -2.95 -11.83 -1.32
CA TYR B 294 -1.62 -12.40 -1.13
C TYR B 294 -1.58 -13.33 0.08
N GLU B 295 -1.92 -12.82 1.26
CA GLU B 295 -1.85 -13.64 2.46
C GLU B 295 -2.83 -14.80 2.42
N ARG B 296 -4.00 -14.59 1.80
CA ARG B 296 -5.04 -15.61 1.71
C ARG B 296 -5.35 -15.88 0.25
N GLY B 297 -5.99 -17.02 0.00
CA GLY B 297 -6.34 -17.39 -1.36
C GLY B 297 -7.64 -16.77 -1.82
N VAL B 298 -7.84 -15.50 -1.46
CA VAL B 298 -9.07 -14.78 -1.76
C VAL B 298 -8.96 -14.21 -3.16
N LYS B 299 -10.04 -14.43 -3.93
CA LYS B 299 -10.17 -13.89 -5.30
C LYS B 299 -10.95 -12.57 -5.22
N VAL B 300 -10.41 -11.49 -5.77
CA VAL B 300 -11.03 -10.17 -5.65
C VAL B 300 -11.44 -9.73 -7.03
N ARG B 301 -12.71 -9.35 -7.18
CA ARG B 301 -13.24 -8.84 -8.44
C ARG B 301 -13.76 -7.43 -8.20
N LEU B 302 -13.22 -6.49 -8.98
CA LEU B 302 -13.60 -5.06 -8.82
C LEU B 302 -14.37 -4.58 -10.04
N LEU B 303 -15.57 -4.04 -9.83
CA LEU B 303 -16.41 -3.51 -10.90
C LEU B 303 -16.57 -2.02 -10.66
N ILE B 304 -15.92 -1.21 -11.48
CA ILE B 304 -15.92 0.24 -11.36
C ILE B 304 -16.76 0.83 -12.49
N SER B 305 -17.39 1.97 -12.23
CA SER B 305 -18.24 2.63 -13.21
C SER B 305 -17.47 3.77 -13.85
N CYS B 306 -17.54 3.87 -15.17
CA CYS B 306 -16.87 4.91 -15.92
C CYS B 306 -17.88 5.71 -16.73
N TRP B 307 -17.73 7.04 -16.67
CA TRP B 307 -18.59 7.95 -17.46
C TRP B 307 -17.76 9.18 -17.81
N GLY B 308 -18.42 10.21 -18.35
CA GLY B 308 -17.73 11.43 -18.74
C GLY B 308 -17.16 12.23 -17.60
N HIS B 309 -17.73 12.09 -16.40
CA HIS B 309 -17.29 12.86 -15.24
C HIS B 309 -16.43 12.06 -14.28
N SER B 310 -15.96 10.89 -14.69
CA SER B 310 -15.08 10.11 -13.85
C SER B 310 -13.69 10.74 -13.82
N GLU B 311 -13.03 10.62 -12.68
CA GLU B 311 -11.71 11.20 -12.51
C GLU B 311 -10.68 10.43 -13.34
N PRO B 312 -9.99 11.08 -14.29
CA PRO B 312 -9.02 10.34 -15.11
C PRO B 312 -7.84 9.81 -14.31
N SER B 313 -7.55 10.36 -13.14
CA SER B 313 -6.48 9.85 -12.30
C SER B 313 -6.79 8.49 -11.71
N MET B 314 -8.03 8.02 -11.82
CA MET B 314 -8.43 6.77 -11.20
C MET B 314 -7.90 5.54 -11.95
N ARG B 315 -7.48 5.70 -13.20
CA ARG B 315 -7.00 4.56 -13.96
C ARG B 315 -5.66 4.06 -13.43
N ALA B 316 -4.75 4.97 -13.08
CA ALA B 316 -3.42 4.57 -12.65
C ALA B 316 -3.47 3.73 -11.38
N PHE B 317 -4.38 4.04 -10.46
CA PHE B 317 -4.51 3.26 -9.24
C PHE B 317 -5.23 1.94 -9.47
N LEU B 318 -5.95 1.80 -10.58
CA LEU B 318 -6.58 0.53 -10.92
C LEU B 318 -5.64 -0.39 -11.68
N LEU B 319 -4.80 0.16 -12.55
CA LEU B 319 -3.78 -0.63 -13.21
C LEU B 319 -2.75 -1.13 -12.20
N SER B 320 -2.45 -0.33 -11.18
CA SER B 320 -1.54 -0.77 -10.13
C SER B 320 -2.13 -1.87 -9.26
N LEU B 321 -3.44 -2.08 -9.32
CA LEU B 321 -4.08 -3.15 -8.57
C LEU B 321 -4.28 -4.41 -9.39
N ALA B 322 -4.62 -4.26 -10.67
CA ALA B 322 -4.82 -5.41 -11.54
C ALA B 322 -3.50 -6.07 -11.94
N ALA B 323 -2.37 -5.44 -11.61
CA ALA B 323 -1.05 -5.98 -11.99
C ALA B 323 -0.70 -7.17 -11.10
N LEU B 324 -1.28 -7.22 -9.91
CA LEU B 324 -0.96 -8.31 -8.94
C LEU B 324 -1.83 -9.54 -9.23
N ARG B 325 -1.60 -10.21 -10.36
CA ARG B 325 -2.35 -11.45 -10.68
C ARG B 325 -1.51 -12.36 -11.56
N ASP B 326 -0.84 -13.36 -10.98
CA ASP B 326 -0.07 -14.34 -11.78
C ASP B 326 0.11 -15.64 -10.97
N ASN B 327 0.60 -16.70 -11.62
CA ASN B 327 0.82 -17.99 -10.94
C ASN B 327 1.82 -17.82 -9.80
N HIS B 328 2.97 -17.20 -10.07
CA HIS B 328 4.05 -17.07 -9.05
C HIS B 328 3.48 -16.50 -7.75
N THR B 329 2.82 -15.34 -7.83
CA THR B 329 2.32 -14.71 -6.62
C THR B 329 1.06 -15.39 -6.08
N HIS B 330 0.40 -16.20 -6.90
CA HIS B 330 -0.82 -16.91 -6.50
C HIS B 330 -1.89 -15.94 -6.02
N SER B 331 -1.99 -14.79 -6.68
CA SER B 331 -3.00 -13.79 -6.39
C SER B 331 -3.99 -13.73 -7.54
N ASP B 332 -5.19 -13.22 -7.24
CA ASP B 332 -6.26 -13.13 -8.23
C ASP B 332 -7.04 -11.83 -7.99
N ILE B 333 -6.65 -10.79 -8.73
CA ILE B 333 -7.39 -9.52 -8.74
C ILE B 333 -7.76 -9.23 -10.19
N GLN B 334 -9.04 -9.03 -10.44
CA GLN B 334 -9.53 -8.63 -11.75
C GLN B 334 -10.32 -7.35 -11.60
N VAL B 335 -10.05 -6.38 -12.49
CA VAL B 335 -10.73 -5.10 -12.48
C VAL B 335 -11.44 -4.93 -13.81
N LYS B 336 -12.72 -4.59 -13.76
CA LYS B 336 -13.52 -4.37 -14.94
C LYS B 336 -14.27 -3.05 -14.81
N LEU B 337 -14.57 -2.44 -15.95
CA LEU B 337 -15.27 -1.15 -16.00
C LEU B 337 -16.69 -1.39 -16.48
N PHE B 338 -17.67 -0.86 -15.73
CA PHE B 338 -19.06 -0.94 -16.12
C PHE B 338 -19.48 0.38 -16.77
N VAL B 339 -19.79 0.33 -18.06
CA VAL B 339 -20.15 1.51 -18.84
C VAL B 339 -21.58 1.36 -19.31
N VAL B 340 -22.44 2.30 -18.91
CA VAL B 340 -23.84 2.30 -19.32
C VAL B 340 -23.93 2.96 -20.69
N PRO B 341 -24.39 2.26 -21.72
CA PRO B 341 -24.49 2.87 -23.05
C PRO B 341 -25.48 4.02 -23.07
N ALA B 342 -25.20 5.00 -23.92
CA ALA B 342 -26.02 6.21 -24.01
C ALA B 342 -26.12 6.65 -25.47
N ASP B 343 -27.34 6.87 -25.93
CA ASP B 343 -27.57 7.41 -27.27
C ASP B 343 -27.68 8.93 -27.19
N GLU B 344 -28.04 9.56 -28.31
CA GLU B 344 -28.05 11.02 -28.34
C GLU B 344 -29.10 11.59 -27.39
N ALA B 345 -30.28 10.99 -27.34
CA ALA B 345 -31.33 11.48 -26.45
C ALA B 345 -30.91 11.37 -25.00
N GLN B 346 -30.30 10.25 -24.62
CA GLN B 346 -29.88 10.07 -23.24
C GLN B 346 -28.67 10.93 -22.92
N ALA B 347 -27.84 11.22 -23.92
CA ALA B 347 -26.66 12.03 -23.68
C ALA B 347 -27.02 13.47 -23.31
N ARG B 348 -28.18 13.94 -23.80
CA ARG B 348 -28.59 15.34 -23.55
C ARG B 348 -28.95 15.54 -22.06
N ILE B 349 -29.33 14.48 -21.36
CA ILE B 349 -29.68 14.60 -19.94
C ILE B 349 -28.39 14.64 -19.13
N PRO B 350 -28.20 15.67 -18.29
CA PRO B 350 -26.95 15.77 -17.54
C PRO B 350 -26.90 14.82 -16.36
N TYR B 351 -25.76 14.15 -16.21
CA TYR B 351 -25.51 13.20 -15.12
C TYR B 351 -26.59 12.12 -15.10
N ALA B 352 -26.70 11.41 -16.22
CA ALA B 352 -27.85 10.54 -16.45
C ALA B 352 -27.52 9.09 -16.76
N ARG B 353 -26.31 8.76 -17.22
CA ARG B 353 -25.99 7.40 -17.66
C ARG B 353 -24.75 6.94 -16.92
N VAL B 354 -24.95 6.28 -15.77
CA VAL B 354 -23.85 5.78 -14.96
C VAL B 354 -24.38 4.66 -14.07
N ASN B 355 -23.48 3.84 -13.55
CA ASN B 355 -23.80 2.78 -12.62
C ASN B 355 -23.48 3.28 -11.21
N HIS B 356 -24.50 3.39 -10.37
CA HIS B 356 -24.39 4.04 -9.07
C HIS B 356 -24.24 3.08 -7.91
N ASN B 357 -24.19 1.77 -8.15
CA ASN B 357 -24.18 0.80 -7.07
C ASN B 357 -22.88 0.87 -6.29
N LYS B 358 -22.99 0.79 -4.97
CA LYS B 358 -21.85 0.80 -4.06
C LYS B 358 -22.08 -0.27 -3.00
N TYR B 359 -21.51 -1.46 -3.20
CA TYR B 359 -21.72 -2.56 -2.27
C TYR B 359 -20.57 -3.55 -2.41
N MET B 360 -20.42 -4.39 -1.39
CA MET B 360 -19.39 -5.46 -1.41
C MET B 360 -20.02 -6.76 -0.96
N VAL B 361 -19.68 -7.87 -1.61
CA VAL B 361 -20.17 -9.21 -1.32
C VAL B 361 -18.99 -10.13 -1.10
N THR B 362 -19.05 -10.91 -0.03
CA THR B 362 -18.05 -11.95 0.25
C THR B 362 -18.75 -13.30 0.31
N GLU B 363 -18.00 -14.32 0.70
CA GLU B 363 -18.59 -15.65 0.86
C GLU B 363 -19.35 -15.80 2.17
N ARG B 364 -19.23 -14.84 3.08
CA ARG B 364 -19.94 -14.93 4.36
C ARG B 364 -20.61 -13.64 4.82
N ALA B 365 -20.34 -12.49 4.19
CA ALA B 365 -20.87 -11.23 4.68
C ALA B 365 -21.37 -10.41 3.51
N THR B 366 -22.29 -9.49 3.81
CA THR B 366 -22.89 -8.61 2.83
C THR B 366 -22.75 -7.17 3.29
N TYR B 367 -22.26 -6.31 2.40
CA TYR B 367 -22.04 -4.89 2.70
C TYR B 367 -22.76 -4.06 1.66
N ILE B 368 -23.65 -3.18 2.12
CA ILE B 368 -24.37 -2.25 1.24
C ILE B 368 -24.18 -0.85 1.81
N GLY B 369 -23.54 0.03 1.02
CA GLY B 369 -23.23 1.36 1.48
C GLY B 369 -23.76 2.41 0.53
N THR B 370 -23.69 3.66 0.99
CA THR B 370 -24.17 4.81 0.21
C THR B 370 -23.07 5.77 -0.17
N SER B 371 -21.81 5.43 0.09
CA SER B 371 -20.68 6.31 -0.15
C SER B 371 -19.65 5.62 -1.02
N ASN B 372 -18.98 6.41 -1.85
CA ASN B 372 -17.92 5.89 -2.69
C ASN B 372 -16.72 5.49 -1.84
N TRP B 373 -15.74 4.86 -2.49
CA TRP B 373 -14.58 4.30 -1.79
C TRP B 373 -13.36 5.20 -1.90
N SER B 374 -13.57 6.52 -1.88
CA SER B 374 -12.47 7.47 -1.82
C SER B 374 -12.11 7.76 -0.37
N GLY B 375 -11.16 8.66 -0.16
CA GLY B 375 -10.70 8.95 1.19
C GLY B 375 -11.59 9.90 1.96
N ASN B 376 -12.29 10.79 1.27
CA ASN B 376 -13.11 11.79 1.95
C ASN B 376 -14.44 11.25 2.43
N TYR B 377 -14.90 10.14 1.88
CA TYR B 377 -16.22 9.62 2.24
C TYR B 377 -16.22 8.91 3.57
N PHE B 378 -15.06 8.65 4.16
CA PHE B 378 -14.96 8.03 5.47
C PHE B 378 -14.37 8.94 6.53
N THR B 379 -13.95 10.15 6.16
CA THR B 379 -13.36 11.08 7.11
C THR B 379 -14.06 12.44 7.16
N GLU B 380 -14.67 12.87 6.06
CA GLU B 380 -15.31 14.19 6.03
C GLU B 380 -16.76 14.11 5.59
N THR B 381 -17.05 13.22 4.64
CA THR B 381 -18.37 13.14 4.03
C THR B 381 -19.23 12.17 4.81
N ALA B 382 -20.50 12.54 5.00
CA ALA B 382 -21.44 11.67 5.70
C ALA B 382 -21.80 10.47 4.83
N GLY B 383 -22.20 9.40 5.50
CA GLY B 383 -22.58 8.18 4.81
C GLY B 383 -22.97 7.12 5.81
N THR B 384 -23.68 6.11 5.29
CA THR B 384 -24.18 5.03 6.13
C THR B 384 -24.13 3.74 5.33
N SER B 385 -23.79 2.64 5.99
CA SER B 385 -23.72 1.33 5.35
C SER B 385 -24.36 0.28 6.25
N LEU B 386 -24.97 -0.72 5.61
CA LEU B 386 -25.62 -1.82 6.31
C LEU B 386 -24.82 -3.09 6.13
N LEU B 387 -24.54 -3.79 7.23
CA LEU B 387 -23.72 -5.00 7.22
C LEU B 387 -24.57 -6.14 7.79
N VAL B 388 -24.89 -7.12 6.95
CA VAL B 388 -25.70 -8.26 7.34
C VAL B 388 -24.92 -9.53 7.05
N THR B 389 -24.76 -10.37 8.06
CA THR B 389 -24.16 -11.69 7.90
C THR B 389 -25.20 -12.75 8.26
N GLN B 390 -25.11 -13.89 7.59
CA GLN B 390 -26.11 -14.94 7.77
C GLN B 390 -25.44 -16.29 7.62
N ASN B 391 -25.80 -17.22 8.51
CA ASN B 391 -25.26 -18.57 8.44
C ASN B 391 -26.01 -19.39 7.40
N GLY B 392 -25.30 -20.27 6.74
CA GLY B 392 -25.88 -21.11 5.72
C GLY B 392 -25.95 -20.43 4.37
N ARG B 393 -26.18 -21.26 3.35
CA ARG B 393 -26.26 -20.72 1.97
C ARG B 393 -27.63 -20.07 1.78
N GLY B 394 -27.76 -19.30 0.70
CA GLY B 394 -28.99 -18.59 0.41
C GLY B 394 -29.12 -17.32 1.23
N GLY B 395 -30.29 -16.72 1.13
CA GLY B 395 -30.57 -15.50 1.86
C GLY B 395 -30.24 -14.25 1.08
N LEU B 396 -30.00 -13.15 1.78
CA LEU B 396 -29.68 -11.90 1.11
C LEU B 396 -28.34 -11.97 0.39
N ARG B 397 -27.35 -12.63 0.99
CA ARG B 397 -26.02 -12.66 0.40
C ARG B 397 -26.02 -13.35 -0.96
N SER B 398 -26.74 -14.46 -1.09
CA SER B 398 -26.79 -15.15 -2.38
C SER B 398 -27.48 -14.31 -3.44
N GLN B 399 -28.57 -13.61 -3.07
CA GLN B 399 -29.24 -12.76 -4.04
C GLN B 399 -28.35 -11.63 -4.51
N LEU B 400 -27.61 -11.01 -3.59
CA LEU B 400 -26.68 -9.95 -3.96
C LEU B 400 -25.52 -10.49 -4.79
N GLU B 401 -25.04 -11.69 -4.47
CA GLU B 401 -23.97 -12.29 -5.27
C GLU B 401 -24.42 -12.56 -6.69
N ALA B 402 -25.66 -13.02 -6.88
CA ALA B 402 -26.17 -13.25 -8.23
C ALA B 402 -26.28 -11.97 -9.03
N ILE B 403 -26.57 -10.85 -8.37
CA ILE B 403 -26.62 -9.57 -9.07
C ILE B 403 -25.24 -9.20 -9.58
N PHE B 404 -24.21 -9.36 -8.75
CA PHE B 404 -22.85 -9.00 -9.16
C PHE B 404 -22.40 -9.85 -10.34
N LEU B 405 -22.66 -11.15 -10.31
CA LEU B 405 -22.26 -12.00 -11.42
C LEU B 405 -23.02 -11.66 -12.69
N ARG B 406 -24.26 -11.19 -12.56
CA ARG B 406 -25.00 -10.71 -13.73
C ARG B 406 -24.32 -9.50 -14.34
N ASP B 407 -23.84 -8.57 -13.52
CA ASP B 407 -23.12 -7.41 -14.02
C ASP B 407 -21.74 -7.78 -14.54
N TRP B 408 -21.03 -8.67 -13.85
CA TRP B 408 -19.67 -9.03 -14.26
C TRP B 408 -19.66 -9.68 -15.64
N ASP B 409 -20.55 -10.65 -15.87
CA ASP B 409 -20.63 -11.34 -17.15
C ASP B 409 -21.69 -10.69 -18.04
N SER B 410 -21.51 -9.40 -18.28
CA SER B 410 -22.45 -8.61 -19.05
C SER B 410 -21.72 -7.87 -20.16
N PRO B 411 -22.39 -7.64 -21.29
CA PRO B 411 -21.75 -6.87 -22.36
C PRO B 411 -21.41 -5.44 -21.98
N TYR B 412 -21.99 -4.93 -20.89
CA TYR B 412 -21.72 -3.57 -20.45
C TYR B 412 -20.53 -3.46 -19.52
N SER B 413 -19.86 -4.58 -19.22
CA SER B 413 -18.67 -4.59 -18.39
C SER B 413 -17.47 -4.94 -19.24
N HIS B 414 -16.44 -4.10 -19.20
CA HIS B 414 -15.27 -4.23 -20.07
C HIS B 414 -13.99 -4.21 -19.25
N ASP B 415 -12.94 -4.73 -19.87
CA ASP B 415 -11.62 -4.76 -19.20
C ASP B 415 -10.99 -3.38 -19.28
N LEU B 416 -9.88 -3.19 -18.58
CA LEU B 416 -9.18 -1.91 -18.54
C LEU B 416 -8.41 -1.61 -19.81
N ASP B 417 -8.18 -2.60 -20.68
CA ASP B 417 -7.46 -2.39 -21.91
C ASP B 417 -8.37 -2.17 -23.11
N THR B 418 -9.68 -2.08 -22.89
CA THR B 418 -10.62 -1.89 -23.98
C THR B 418 -10.47 -0.50 -24.58
N SER B 419 -10.66 -0.39 -25.88
CA SER B 419 -10.64 0.91 -26.54
C SER B 419 -11.85 1.73 -26.10
N ALA B 420 -11.66 3.05 -25.93
CA ALA B 420 -12.75 3.88 -25.36
C ALA B 420 -13.91 4.05 -26.36
N ASP B 421 -13.65 3.83 -27.65
CA ASP B 421 -14.72 3.94 -28.68
C ASP B 421 -15.68 2.75 -28.55
N SER B 422 -15.16 1.56 -28.22
CA SER B 422 -15.99 0.33 -28.13
C SER B 422 -17.19 0.55 -27.20
N VAL B 423 -16.98 1.07 -26.00
CA VAL B 423 -18.07 1.27 -25.05
C VAL B 423 -19.07 2.27 -25.62
N GLY B 424 -20.29 2.21 -25.11
CA GLY B 424 -21.34 3.07 -25.62
C GLY B 424 -21.27 4.51 -25.16
N ASN B 425 -20.76 4.73 -23.96
CA ASN B 425 -20.69 6.05 -23.37
C ASN B 425 -19.33 6.68 -23.64
N ALA B 426 -19.07 7.84 -23.03
CA ALA B 426 -17.79 8.50 -23.15
C ALA B 426 -16.99 8.24 -21.87
N CYS B 427 -16.22 7.15 -21.89
CA CYS B 427 -15.43 6.76 -20.74
C CYS B 427 -14.09 7.47 -20.77
N ARG B 428 -13.74 8.11 -19.65
CA ARG B 428 -12.48 8.82 -19.54
C ARG B 428 -11.36 7.94 -19.01
N LEU B 429 -11.65 6.72 -18.59
CA LEU B 429 -10.65 5.82 -18.03
C LEU B 429 -10.08 4.85 -19.05
N LEU B 430 -10.52 4.96 -20.29
CA LEU B 430 -10.09 4.01 -21.33
C LEU B 430 -9.25 4.75 -22.36
N LEU B 431 -8.15 4.15 -22.80
CA LEU B 431 -7.22 4.83 -23.74
C LEU B 431 -7.73 4.68 -25.19
N GLU B 432 -7.65 5.75 -25.98
CA GLU B 432 -8.03 5.70 -27.41
C GLU B 432 -9.51 5.31 -27.55
#